data_1VGQ
#
_entry.id   1VGQ
#
_cell.length_a   151.116
_cell.length_b   151.116
_cell.length_c   99.593
_cell.angle_alpha   90.00
_cell.angle_beta   90.00
_cell.angle_gamma   90.00
#
_symmetry.space_group_name_H-M   'I 4'
#
loop_
_entity.id
_entity.type
_entity.pdbx_description
1 polymer 'Formyl-coenzyme A transferase'
2 non-polymer 'OXIDIZED COENZYME A'
3 water water
#
_entity_poly.entity_id   1
_entity_poly.type   'polypeptide(L)'
_entity_poly.pdbx_seq_one_letter_code
;TKPLDGINVLDFTHVQAGPACTQMMGFLGANVIKIERRGSGDMTRGWLQDKPNVDSLYFTMFNCNKRSIELDMKTPEGKE
LLEQMIKKADVMVENFGPGALDRMGFTWEYIQELNPRVILASVKGYAEGHANEHLKVYENVAQCSGGAAATTGFWDGPPT
VSGAALGASNSGMHLMIGILAALEIRHKTGRGQKVAVAMQDAVLNLVRIKLRDQQRLERTGILAEYPQAQPNFAFDRDGN
PLSFDNITSVPRGGNAGGGGQPGWMLKCKGWETDADSYVYFTIAANMWPQICDMIDKPEWKDDPAYNTFEGRVDKLMDIF
SFIETKFADKDKFEVTEWAAQYGIPCGPVMSMKELAHDPSLQKVGTVVEVVDEIRGNHLTVGAPFKFSGFQPEITRAPLL
GEHTDEVLKELGLDDAKIKELHAKQVV
;
_entity_poly.pdbx_strand_id   A,B
#
# COMPACT_ATOMS: atom_id res chain seq x y z
N THR A 1 -1.92 -25.56 -11.07
CA THR A 1 -1.59 -24.50 -12.07
C THR A 1 -1.84 -23.09 -11.51
N LYS A 2 -2.92 -22.41 -11.93
CA LYS A 2 -3.16 -21.03 -11.49
C LYS A 2 -4.09 -21.00 -10.26
N PRO A 3 -3.75 -20.18 -9.27
CA PRO A 3 -4.46 -20.16 -7.98
C PRO A 3 -5.97 -20.04 -8.05
N LEU A 4 -6.48 -19.19 -8.94
CA LEU A 4 -7.91 -18.92 -9.02
C LEU A 4 -8.57 -19.43 -10.31
N ASP A 5 -7.99 -20.46 -10.93
CA ASP A 5 -8.66 -21.24 -11.98
C ASP A 5 -10.02 -21.70 -11.47
N GLY A 6 -11.07 -21.48 -12.26
CA GLY A 6 -12.42 -21.91 -11.91
C GLY A 6 -13.21 -21.02 -10.97
N ILE A 7 -12.64 -19.87 -10.58
CA ILE A 7 -13.33 -18.90 -9.74
C ILE A 7 -13.98 -17.84 -10.65
N ASN A 8 -15.30 -17.75 -10.63
CA ASN A 8 -16.02 -16.81 -11.49
C ASN A 8 -16.33 -15.55 -10.69
N VAL A 9 -15.93 -14.40 -11.23
CA VAL A 9 -16.01 -13.14 -10.53
C VAL A 9 -16.96 -12.23 -11.27
N LEU A 10 -18.04 -11.86 -10.60
CA LEU A 10 -18.98 -10.87 -11.10
C LEU A 10 -18.48 -9.50 -10.65
N ASP A 11 -17.90 -8.77 -11.59
CA ASP A 11 -17.10 -7.59 -11.31
C ASP A 11 -17.86 -6.29 -11.65
N PHE A 12 -18.54 -5.72 -10.67
CA PHE A 12 -19.26 -4.44 -10.81
C PHE A 12 -18.39 -3.19 -10.75
N THR A 13 -17.09 -3.35 -10.61
CA THR A 13 -16.25 -2.24 -10.17
C THR A 13 -15.96 -1.20 -11.25
N HIS A 14 -15.67 0.01 -10.80
CA HIS A 14 -15.13 1.08 -11.64
C HIS A 14 -13.97 1.87 -10.97
N VAL A 15 -13.36 2.76 -11.74
CA VAL A 15 -12.24 3.59 -11.28
C VAL A 15 -11.02 2.70 -10.96
N GLN A 16 -10.51 2.69 -9.74
CA GLN A 16 -9.20 2.08 -9.48
C GLN A 16 -9.19 0.96 -8.43
N ALA A 17 -9.75 1.23 -7.24
CA ALA A 17 -9.66 0.28 -6.13
C ALA A 17 -10.27 -1.08 -6.48
N GLY A 18 -11.53 -1.07 -6.90
CA GLY A 18 -12.21 -2.29 -7.30
C GLY A 18 -11.59 -2.98 -8.51
N PRO A 19 -11.40 -2.28 -9.62
CA PRO A 19 -10.74 -2.88 -10.79
C PRO A 19 -9.31 -3.40 -10.56
N ALA A 20 -8.55 -2.78 -9.66
CA ALA A 20 -7.21 -3.27 -9.35
C ALA A 20 -7.32 -4.67 -8.73
N CYS A 21 -8.26 -4.83 -7.82
CA CYS A 21 -8.52 -6.11 -7.17
C CYS A 21 -8.88 -7.21 -8.17
N THR A 22 -9.92 -6.98 -8.96
CA THR A 22 -10.39 -7.97 -9.90
C THR A 22 -9.41 -8.22 -11.03
N GLN A 23 -8.64 -7.21 -11.42
CA GLN A 23 -7.59 -7.42 -12.44
C GLN A 23 -6.56 -8.41 -11.89
N MET A 24 -6.14 -8.22 -10.64
CA MET A 24 -5.10 -9.06 -10.07
C MET A 24 -5.59 -10.50 -9.87
N MET A 25 -6.85 -10.63 -9.48
CA MET A 25 -7.52 -11.92 -9.41
C MET A 25 -7.49 -12.57 -10.79
N GLY A 26 -7.80 -11.79 -11.82
CA GLY A 26 -7.70 -12.24 -13.20
C GLY A 26 -6.31 -12.68 -13.59
N PHE A 27 -5.28 -11.94 -13.19
CA PHE A 27 -3.89 -12.34 -13.41
C PHE A 27 -3.57 -13.70 -12.78
N LEU A 28 -4.20 -14.00 -11.65
CA LEU A 28 -4.01 -15.28 -10.96
C LEU A 28 -4.99 -16.38 -11.45
N GLY A 29 -5.74 -16.11 -12.52
CA GLY A 29 -6.52 -17.15 -13.18
C GLY A 29 -8.03 -17.07 -13.05
N ALA A 30 -8.54 -16.08 -12.31
CA ALA A 30 -9.99 -15.94 -12.19
C ALA A 30 -10.64 -15.55 -13.51
N ASN A 31 -11.88 -16.02 -13.70
CA ASN A 31 -12.74 -15.64 -14.81
C ASN A 31 -13.54 -14.39 -14.40
N VAL A 32 -13.09 -13.23 -14.86
CA VAL A 32 -13.66 -11.96 -14.45
C VAL A 32 -14.59 -11.42 -15.53
N ILE A 33 -15.86 -11.25 -15.17
CA ILE A 33 -16.84 -10.62 -16.04
C ILE A 33 -17.14 -9.26 -15.48
N LYS A 34 -16.74 -8.22 -16.21
CA LYS A 34 -16.90 -6.84 -15.78
C LYS A 34 -18.23 -6.26 -16.28
N ILE A 35 -19.10 -5.88 -15.36
CA ILE A 35 -20.35 -5.23 -15.70
C ILE A 35 -20.16 -3.73 -15.76
N GLU A 36 -20.56 -3.14 -16.89
CA GLU A 36 -20.37 -1.72 -17.17
C GLU A 36 -21.66 -1.01 -17.57
N ARG A 37 -21.68 0.30 -17.36
CA ARG A 37 -22.76 1.15 -17.85
C ARG A 37 -22.86 1.06 -19.35
N ARG A 38 -24.10 1.03 -19.85
CA ARG A 38 -24.38 1.10 -21.28
C ARG A 38 -23.91 2.45 -21.84
N GLY A 39 -23.13 2.43 -22.92
CA GLY A 39 -22.76 3.64 -23.63
C GLY A 39 -21.35 4.14 -23.30
N SER A 40 -21.12 4.51 -22.04
CA SER A 40 -19.83 5.09 -21.65
C SER A 40 -18.93 4.08 -20.93
N GLY A 41 -19.53 3.14 -20.23
CA GLY A 41 -18.81 2.16 -19.46
C GLY A 41 -18.10 2.76 -18.26
N ASP A 42 -17.11 2.05 -17.75
CA ASP A 42 -16.26 2.51 -16.67
C ASP A 42 -15.69 3.89 -17.03
N MET A 43 -15.88 4.86 -16.12
CA MET A 43 -15.34 6.21 -16.24
C MET A 43 -13.88 6.29 -16.74
N THR A 44 -13.05 5.32 -16.39
CA THR A 44 -11.64 5.36 -16.83
C THR A 44 -11.43 5.21 -18.34
N ARG A 45 -12.42 4.65 -19.04
CA ARG A 45 -12.35 4.57 -20.49
C ARG A 45 -12.11 5.92 -21.16
N GLY A 46 -12.82 6.94 -20.70
CA GLY A 46 -12.71 8.28 -21.27
C GLY A 46 -11.86 9.24 -20.48
N TRP A 47 -11.09 8.72 -19.53
CA TRP A 47 -10.35 9.53 -18.57
C TRP A 47 -8.87 9.58 -18.98
N LEU A 48 -8.44 10.76 -19.40
CA LEU A 48 -7.06 11.05 -19.82
C LEU A 48 -6.54 10.11 -20.90
N GLN A 49 -7.34 10.02 -21.96
CA GLN A 49 -7.00 9.28 -23.15
C GLN A 49 -5.77 9.94 -23.76
N ASP A 50 -4.86 9.12 -24.26
CA ASP A 50 -3.73 9.62 -25.05
C ASP A 50 -4.11 9.75 -26.53
N LYS A 51 -5.08 8.95 -26.97
CA LYS A 51 -5.64 9.01 -28.34
C LYS A 51 -7.17 9.09 -28.27
N PRO A 52 -7.77 9.97 -29.07
CA PRO A 52 -9.22 10.21 -28.99
C PRO A 52 -10.01 8.99 -29.48
N ASN A 53 -11.12 8.67 -28.82
CA ASN A 53 -11.93 7.46 -29.10
C ASN A 53 -11.34 6.11 -28.59
N VAL A 54 -10.02 6.04 -28.34
CA VAL A 54 -9.35 4.83 -27.84
C VAL A 54 -9.39 4.83 -26.30
N ASP A 55 -9.67 3.68 -25.72
CA ASP A 55 -9.70 3.53 -24.27
C ASP A 55 -8.37 3.96 -23.67
N SER A 56 -8.45 4.76 -22.62
CA SER A 56 -7.26 5.32 -22.00
C SER A 56 -6.39 4.25 -21.38
N LEU A 57 -5.13 4.60 -21.16
CA LEU A 57 -4.21 3.74 -20.43
C LEU A 57 -4.65 3.53 -18.98
N TYR A 58 -5.44 4.46 -18.43
CA TYR A 58 -6.03 4.24 -17.10
C TYR A 58 -6.89 2.99 -17.14
N PHE A 59 -7.77 2.90 -18.13
CA PHE A 59 -8.61 1.73 -18.28
C PHE A 59 -7.80 0.47 -18.62
N THR A 60 -6.92 0.53 -19.62
CA THR A 60 -6.26 -0.70 -20.06
C THR A 60 -5.35 -1.30 -18.97
N MET A 61 -4.68 -0.45 -18.19
CA MET A 61 -3.74 -0.94 -17.17
C MET A 61 -4.42 -1.49 -15.91
N PHE A 62 -5.72 -1.25 -15.78
CA PHE A 62 -6.51 -1.78 -14.66
C PHE A 62 -7.59 -2.79 -15.06
N ASN A 63 -7.68 -3.11 -16.34
CA ASN A 63 -8.75 -3.97 -16.79
C ASN A 63 -8.36 -5.08 -17.77
N CYS A 64 -7.07 -5.43 -17.77
CA CYS A 64 -6.61 -6.64 -18.42
C CYS A 64 -7.19 -7.90 -17.74
N ASN A 65 -7.21 -9.01 -18.48
CA ASN A 65 -7.77 -10.29 -18.02
C ASN A 65 -9.22 -10.20 -17.55
N LYS A 66 -10.02 -9.47 -18.31
CA LYS A 66 -11.43 -9.34 -18.04
C LYS A 66 -12.21 -9.33 -19.35
N ARG A 67 -13.47 -9.76 -19.25
CA ARG A 67 -14.43 -9.57 -20.31
C ARG A 67 -15.43 -8.49 -19.88
N SER A 68 -16.07 -7.87 -20.86
CA SER A 68 -16.97 -6.76 -20.63
C SER A 68 -18.37 -7.04 -21.19
N ILE A 69 -19.36 -6.88 -20.31
CA ILE A 69 -20.76 -6.84 -20.69
C ILE A 69 -21.34 -5.48 -20.27
N GLU A 70 -22.07 -4.85 -21.17
CA GLU A 70 -22.87 -3.66 -20.87
C GLU A 70 -24.21 -4.08 -20.29
N LEU A 71 -24.64 -3.42 -19.22
CA LEU A 71 -25.89 -3.75 -18.53
C LEU A 71 -26.49 -2.49 -17.90
N ASP A 72 -27.77 -2.24 -18.14
CA ASP A 72 -28.51 -1.20 -17.43
C ASP A 72 -29.21 -1.89 -16.26
N MET A 73 -28.63 -1.77 -15.07
CA MET A 73 -29.15 -2.45 -13.88
C MET A 73 -30.37 -1.74 -13.26
N LYS A 74 -30.72 -0.57 -13.79
CA LYS A 74 -31.92 0.15 -13.38
C LYS A 74 -33.21 -0.42 -14.03
N THR A 75 -33.06 -1.17 -15.13
CA THR A 75 -34.19 -1.86 -15.74
C THR A 75 -34.47 -3.17 -15.00
N PRO A 76 -35.72 -3.66 -15.04
CA PRO A 76 -36.06 -4.93 -14.38
C PRO A 76 -35.49 -6.17 -15.08
N GLU A 77 -35.29 -6.10 -16.39
CA GLU A 77 -34.69 -7.20 -17.14
C GLU A 77 -33.19 -7.33 -16.82
N GLY A 78 -32.55 -6.20 -16.51
CA GLY A 78 -31.16 -6.20 -16.07
C GLY A 78 -30.97 -6.82 -14.71
N LYS A 79 -31.91 -6.57 -13.81
CA LYS A 79 -31.93 -7.21 -12.48
C LYS A 79 -32.10 -8.72 -12.60
N GLU A 80 -32.96 -9.18 -13.52
CA GLU A 80 -33.13 -10.61 -13.75
C GLU A 80 -31.83 -11.26 -14.21
N LEU A 81 -31.12 -10.57 -15.10
CA LEU A 81 -29.85 -11.07 -15.65
C LEU A 81 -28.80 -11.16 -14.55
N LEU A 82 -28.75 -10.13 -13.71
CA LEU A 82 -27.83 -10.09 -12.59
C LEU A 82 -28.02 -11.26 -11.65
N GLU A 83 -29.29 -11.59 -11.40
CA GLU A 83 -29.65 -12.71 -10.52
C GLU A 83 -29.15 -14.03 -11.11
N GLN A 84 -29.30 -14.20 -12.42
CA GLN A 84 -28.78 -15.38 -13.11
C GLN A 84 -27.24 -15.45 -13.00
N MET A 85 -26.57 -14.31 -13.11
CA MET A 85 -25.11 -14.25 -13.06
C MET A 85 -24.59 -14.49 -11.65
N ILE A 86 -25.33 -14.02 -10.65
CA ILE A 86 -24.95 -14.20 -9.26
C ILE A 86 -24.99 -15.68 -8.89
N LYS A 87 -25.93 -16.40 -9.49
CA LYS A 87 -26.07 -17.82 -9.21
C LYS A 87 -24.91 -18.63 -9.77
N LYS A 88 -24.18 -18.09 -10.76
CA LYS A 88 -23.02 -18.79 -11.35
C LYS A 88 -21.66 -18.30 -10.84
N ALA A 89 -21.68 -17.23 -10.03
CA ALA A 89 -20.45 -16.59 -9.53
C ALA A 89 -19.99 -17.12 -8.17
N ASP A 90 -18.68 -17.19 -7.99
CA ASP A 90 -18.07 -17.44 -6.69
C ASP A 90 -17.86 -16.18 -5.88
N VAL A 91 -17.61 -15.05 -6.54
CA VAL A 91 -17.49 -13.78 -5.84
C VAL A 91 -17.95 -12.60 -6.69
N MET A 92 -18.61 -11.68 -6.00
CA MET A 92 -19.10 -10.46 -6.58
C MET A 92 -18.32 -9.32 -5.93
N VAL A 93 -17.81 -8.41 -6.74
CA VAL A 93 -17.00 -7.31 -6.24
C VAL A 93 -17.59 -6.00 -6.71
N GLU A 94 -17.76 -5.07 -5.77
CA GLU A 94 -18.31 -3.75 -6.10
C GLU A 94 -17.62 -2.65 -5.32
N ASN A 95 -17.40 -1.52 -5.99
CA ASN A 95 -16.92 -0.30 -5.36
C ASN A 95 -17.70 0.92 -5.84
N PHE A 96 -19.03 0.77 -5.88
CA PHE A 96 -19.94 1.88 -6.09
C PHE A 96 -20.03 2.66 -4.80
N GLY A 97 -20.76 3.78 -4.83
CA GLY A 97 -20.96 4.59 -3.65
C GLY A 97 -21.71 3.81 -2.58
N PRO A 98 -21.62 4.25 -1.32
CA PRO A 98 -22.33 3.59 -0.22
C PRO A 98 -23.84 3.42 -0.49
N GLY A 99 -24.35 2.20 -0.29
CA GLY A 99 -25.76 1.91 -0.50
C GLY A 99 -26.26 1.70 -1.93
N ALA A 100 -25.40 1.91 -2.93
CA ALA A 100 -25.78 1.82 -4.34
C ALA A 100 -26.29 0.43 -4.76
N LEU A 101 -25.52 -0.61 -4.46
CA LEU A 101 -25.95 -1.98 -4.70
C LEU A 101 -27.25 -2.32 -3.97
N ASP A 102 -27.36 -1.87 -2.72
CA ASP A 102 -28.57 -2.07 -1.91
C ASP A 102 -29.82 -1.48 -2.60
N ARG A 103 -29.67 -0.30 -3.20
CA ARG A 103 -30.76 0.41 -3.87
C ARG A 103 -31.22 -0.29 -5.15
N MET A 104 -30.30 -1.00 -5.81
CA MET A 104 -30.64 -1.81 -6.97
C MET A 104 -31.43 -3.08 -6.59
N GLY A 105 -31.62 -3.31 -5.29
CA GLY A 105 -32.37 -4.46 -4.80
C GLY A 105 -31.47 -5.61 -4.36
N PHE A 106 -30.15 -5.40 -4.40
CA PHE A 106 -29.19 -6.46 -4.12
C PHE A 106 -28.42 -6.20 -2.81
N THR A 107 -29.16 -6.29 -1.71
CA THR A 107 -28.56 -6.27 -0.37
C THR A 107 -27.83 -7.57 -0.13
N TRP A 108 -27.01 -7.62 0.91
CA TRP A 108 -26.32 -8.86 1.28
C TRP A 108 -27.34 -9.97 1.53
N GLU A 109 -28.44 -9.66 2.22
CA GLU A 109 -29.44 -10.68 2.55
C GLU A 109 -30.09 -11.29 1.29
N TYR A 110 -30.39 -10.46 0.30
CA TYR A 110 -31.01 -10.96 -0.94
C TYR A 110 -30.02 -11.78 -1.79
N ILE A 111 -28.75 -11.39 -1.79
CA ILE A 111 -27.71 -12.13 -2.52
C ILE A 111 -27.49 -13.52 -1.92
N GLN A 112 -27.59 -13.64 -0.59
CA GLN A 112 -27.43 -14.93 0.09
C GLN A 112 -28.53 -15.90 -0.32
N GLU A 113 -29.75 -15.38 -0.48
CA GLU A 113 -30.87 -16.19 -0.98
C GLU A 113 -30.57 -16.72 -2.37
N LEU A 114 -30.07 -15.85 -3.23
CA LEU A 114 -29.79 -16.23 -4.62
C LEU A 114 -28.68 -17.28 -4.71
N ASN A 115 -27.63 -17.10 -3.91
CA ASN A 115 -26.47 -17.98 -3.91
C ASN A 115 -25.83 -18.01 -2.53
N PRO A 116 -26.16 -19.03 -1.73
CA PRO A 116 -25.52 -19.18 -0.41
C PRO A 116 -24.01 -19.47 -0.45
N ARG A 117 -23.44 -19.68 -1.63
CA ARG A 117 -22.00 -19.89 -1.79
C ARG A 117 -21.21 -18.62 -2.15
N VAL A 118 -21.89 -17.58 -2.64
CA VAL A 118 -21.21 -16.42 -3.19
C VAL A 118 -20.63 -15.49 -2.12
N ILE A 119 -19.48 -14.90 -2.43
CA ILE A 119 -18.80 -13.94 -1.54
C ILE A 119 -19.05 -12.55 -2.11
N LEU A 120 -19.61 -11.64 -1.32
CA LEU A 120 -19.73 -10.24 -1.70
C LEU A 120 -18.54 -9.51 -1.13
N ALA A 121 -17.84 -8.77 -1.99
CA ALA A 121 -16.63 -8.06 -1.59
C ALA A 121 -16.77 -6.60 -2.00
N SER A 122 -16.58 -5.69 -1.07
CA SER A 122 -16.91 -4.29 -1.28
C SER A 122 -15.80 -3.33 -0.84
N VAL A 123 -15.53 -2.30 -1.64
CA VAL A 123 -14.69 -1.19 -1.20
C VAL A 123 -15.56 0.03 -0.97
N LYS A 124 -15.36 0.67 0.17
CA LYS A 124 -16.01 1.94 0.49
C LYS A 124 -14.96 2.90 1.05
N GLY A 125 -15.30 4.18 1.15
CA GLY A 125 -14.42 5.18 1.70
C GLY A 125 -14.15 4.98 3.19
N TYR A 126 -15.23 4.71 3.92
CA TYR A 126 -15.21 4.52 5.37
C TYR A 126 -15.90 3.22 5.75
N ALA A 127 -15.59 2.69 6.93
CA ALA A 127 -16.15 1.40 7.33
C ALA A 127 -17.63 1.54 7.69
N GLU A 128 -18.39 0.45 7.53
CA GLU A 128 -19.78 0.42 7.97
C GLU A 128 -19.79 0.60 9.49
N GLY A 129 -20.57 1.56 9.96
CA GLY A 129 -20.67 1.89 11.39
C GLY A 129 -19.97 3.20 11.73
N HIS A 130 -19.17 3.71 10.81
CA HIS A 130 -18.41 4.95 10.99
C HIS A 130 -19.33 6.15 10.77
N ALA A 131 -19.11 7.24 11.49
CA ALA A 131 -19.87 8.47 11.28
C ALA A 131 -19.88 8.92 9.80
N ASN A 132 -18.75 8.74 9.11
CA ASN A 132 -18.62 9.10 7.69
C ASN A 132 -18.88 7.92 6.73
N GLU A 133 -19.61 6.91 7.20
CA GLU A 133 -19.94 5.71 6.43
C GLU A 133 -20.53 6.00 5.04
N HIS A 134 -21.29 7.09 4.90
CA HIS A 134 -22.04 7.37 3.67
C HIS A 134 -21.32 8.27 2.65
N LEU A 135 -20.09 8.68 2.95
CA LEU A 135 -19.35 9.57 2.06
C LEU A 135 -18.67 8.84 0.91
N LYS A 136 -18.72 9.48 -0.25
CA LYS A 136 -17.98 9.07 -1.44
C LYS A 136 -16.55 9.59 -1.34
N VAL A 137 -15.59 8.76 -1.74
CA VAL A 137 -14.19 9.14 -1.64
C VAL A 137 -13.38 8.62 -2.82
N TYR A 138 -12.41 9.45 -3.23
CA TYR A 138 -11.38 9.09 -4.19
C TYR A 138 -10.03 9.02 -3.46
N GLU A 139 -9.06 8.47 -4.17
CA GLU A 139 -7.67 8.34 -3.75
C GLU A 139 -7.22 9.29 -2.62
N ASN A 140 -7.05 10.57 -2.94
CA ASN A 140 -6.37 11.49 -2.03
C ASN A 140 -7.19 11.86 -0.79
N VAL A 141 -8.51 11.84 -0.90
CA VAL A 141 -9.36 12.03 0.27
C VAL A 141 -9.10 10.91 1.28
N ALA A 142 -8.96 9.67 0.80
CA ALA A 142 -8.64 8.52 1.67
C ALA A 142 -7.25 8.66 2.29
N GLN A 143 -6.30 9.17 1.52
CA GLN A 143 -4.95 9.42 2.03
C GLN A 143 -4.99 10.40 3.17
N CYS A 144 -5.86 11.41 3.06
CA CYS A 144 -6.05 12.40 4.09
C CYS A 144 -6.77 11.80 5.30
N SER A 145 -7.78 10.98 5.07
CA SER A 145 -8.59 10.42 6.17
C SER A 145 -7.81 9.40 6.99
N GLY A 146 -6.85 8.72 6.37
CA GLY A 146 -6.14 7.63 7.00
C GLY A 146 -4.79 7.96 7.62
N GLY A 147 -4.39 9.23 7.61
CA GLY A 147 -3.20 9.67 8.32
C GLY A 147 -1.95 9.86 7.49
N ALA A 148 -1.97 9.42 6.23
CA ALA A 148 -0.78 9.50 5.37
C ALA A 148 -0.42 10.94 5.03
N ALA A 149 -1.42 11.73 4.68
CA ALA A 149 -1.20 13.11 4.28
C ALA A 149 -0.58 13.93 5.40
N ALA A 150 -1.10 13.75 6.61
CA ALA A 150 -0.60 14.47 7.79
C ALA A 150 0.85 14.12 8.12
N THR A 151 1.29 12.92 7.78
CA THR A 151 2.63 12.45 8.12
C THR A 151 3.59 12.32 6.92
N THR A 152 3.20 12.87 5.77
CA THR A 152 3.99 12.86 4.54
C THR A 152 4.31 14.28 4.08
N GLY A 153 5.56 14.53 3.72
CA GLY A 153 5.99 15.86 3.31
C GLY A 153 6.94 16.44 4.33
N PHE A 154 6.99 17.77 4.41
CA PHE A 154 7.93 18.46 5.28
C PHE A 154 7.24 19.29 6.35
N TRP A 155 7.94 19.49 7.45
CA TRP A 155 7.43 20.21 8.64
C TRP A 155 7.04 21.66 8.36
N ASP A 156 7.64 22.24 7.32
CA ASP A 156 7.39 23.63 6.91
C ASP A 156 6.55 23.75 5.63
N GLY A 157 5.91 22.66 5.25
CA GLY A 157 5.01 22.66 4.12
C GLY A 157 3.69 22.01 4.50
N PRO A 158 2.83 21.78 3.53
CA PRO A 158 1.51 21.22 3.78
C PRO A 158 1.50 19.69 3.88
N PRO A 159 0.40 19.14 4.39
CA PRO A 159 0.13 17.72 4.20
C PRO A 159 0.31 17.42 2.72
N THR A 160 0.96 16.30 2.42
CA THR A 160 1.36 15.96 1.06
C THR A 160 0.81 14.59 0.70
N VAL A 161 0.21 14.48 -0.48
CA VAL A 161 -0.28 13.19 -0.96
C VAL A 161 0.90 12.40 -1.51
N SER A 162 0.78 11.09 -1.45
CA SER A 162 1.76 10.20 -2.08
C SER A 162 1.33 9.93 -3.49
N GLY A 163 2.31 9.82 -4.38
CA GLY A 163 2.10 9.40 -5.75
C GLY A 163 1.60 7.98 -5.85
N ALA A 164 2.02 7.14 -4.91
CA ALA A 164 1.51 5.79 -4.84
C ALA A 164 0.05 5.85 -4.41
N ALA A 165 -0.73 4.93 -4.95
CA ALA A 165 -2.17 4.90 -4.71
C ALA A 165 -2.51 4.19 -3.40
N LEU A 166 -2.17 4.88 -2.29
CA LEU A 166 -2.39 4.37 -0.94
C LEU A 166 -3.86 4.15 -0.65
N GLY A 167 -4.71 4.94 -1.27
CA GLY A 167 -6.15 4.84 -1.11
C GLY A 167 -6.83 3.84 -2.03
N ALA A 168 -6.46 3.86 -3.31
CA ALA A 168 -7.20 3.13 -4.32
C ALA A 168 -6.62 1.73 -4.56
N SER A 169 -5.49 1.61 -5.25
CA SER A 169 -4.94 0.27 -5.50
C SER A 169 -4.68 -0.48 -4.20
N ASN A 170 -4.22 0.24 -3.17
CA ASN A 170 -3.93 -0.35 -1.87
C ASN A 170 -5.20 -0.95 -1.25
N SER A 171 -6.32 -0.24 -1.36
CA SER A 171 -7.61 -0.78 -0.90
C SER A 171 -8.00 -2.03 -1.67
N GLY A 172 -7.81 -2.02 -2.98
CA GLY A 172 -8.06 -3.19 -3.80
C GLY A 172 -7.23 -4.40 -3.42
N MET A 173 -5.95 -4.19 -3.13
CA MET A 173 -5.07 -5.30 -2.73
C MET A 173 -5.49 -5.84 -1.36
N HIS A 174 -5.88 -4.95 -0.44
CA HIS A 174 -6.43 -5.39 0.85
C HIS A 174 -7.73 -6.18 0.68
N LEU A 175 -8.59 -5.73 -0.24
CA LEU A 175 -9.82 -6.46 -0.52
C LEU A 175 -9.51 -7.86 -1.07
N MET A 176 -8.46 -7.97 -1.87
CA MET A 176 -8.06 -9.25 -2.42
C MET A 176 -7.69 -10.22 -1.29
N ILE A 177 -7.01 -9.71 -0.25
CA ILE A 177 -6.74 -10.52 0.94
C ILE A 177 -8.05 -10.98 1.54
N GLY A 178 -9.01 -10.06 1.66
CA GLY A 178 -10.32 -10.37 2.21
C GLY A 178 -11.07 -11.43 1.43
N ILE A 179 -11.07 -11.31 0.11
CA ILE A 179 -11.74 -12.27 -0.75
C ILE A 179 -11.10 -13.63 -0.57
N LEU A 180 -9.78 -13.71 -0.64
CA LEU A 180 -9.06 -14.97 -0.47
C LEU A 180 -9.26 -15.59 0.92
N ALA A 181 -9.37 -14.76 1.94
CA ALA A 181 -9.64 -15.25 3.29
C ALA A 181 -11.03 -15.87 3.31
N ALA A 182 -11.99 -15.19 2.69
CA ALA A 182 -13.37 -15.65 2.60
C ALA A 182 -13.50 -16.94 1.82
N LEU A 183 -12.67 -17.13 0.78
CA LEU A 183 -12.64 -18.39 0.04
C LEU A 183 -12.11 -19.52 0.90
N GLU A 184 -11.21 -19.21 1.81
CA GLU A 184 -10.66 -20.19 2.73
C GLU A 184 -11.73 -20.57 3.77
N ILE A 185 -12.48 -19.59 4.27
CA ILE A 185 -13.65 -19.86 5.10
C ILE A 185 -14.62 -20.84 4.41
N ARG A 186 -14.85 -20.63 3.10
CA ARG A 186 -15.86 -21.39 2.34
C ARG A 186 -15.53 -22.87 2.18
N HIS A 187 -14.24 -23.20 2.07
CA HIS A 187 -13.80 -24.59 2.09
C HIS A 187 -14.26 -25.32 3.39
N LYS A 188 -14.40 -24.58 4.49
CA LYS A 188 -14.81 -25.15 5.79
C LYS A 188 -16.32 -25.13 6.08
N THR A 189 -17.02 -24.08 5.66
CA THR A 189 -18.45 -23.92 5.99
C THR A 189 -19.38 -24.21 4.80
N GLY A 190 -18.82 -24.34 3.60
CA GLY A 190 -19.60 -24.37 2.37
C GLY A 190 -20.40 -23.09 2.08
N ARG A 191 -20.14 -22.01 2.82
CA ARG A 191 -20.95 -20.79 2.76
C ARG A 191 -20.12 -19.57 2.37
N GLY A 192 -20.78 -18.61 1.72
CA GLY A 192 -20.17 -17.34 1.39
C GLY A 192 -20.31 -16.32 2.49
N GLN A 193 -19.46 -15.31 2.47
CA GLN A 193 -19.51 -14.21 3.44
C GLN A 193 -19.43 -12.87 2.70
N LYS A 194 -19.82 -11.80 3.39
CA LYS A 194 -19.51 -10.45 2.95
C LYS A 194 -18.14 -10.05 3.51
N VAL A 195 -17.27 -9.51 2.65
CA VAL A 195 -16.06 -8.83 3.08
C VAL A 195 -16.04 -7.42 2.55
N ALA A 196 -15.56 -6.50 3.36
CA ALA A 196 -15.53 -5.10 3.01
C ALA A 196 -14.22 -4.50 3.47
N VAL A 197 -13.64 -3.62 2.66
CA VAL A 197 -12.47 -2.86 3.05
C VAL A 197 -12.77 -1.37 2.84
N ALA A 198 -12.53 -0.59 3.89
CA ALA A 198 -12.64 0.86 3.81
C ALA A 198 -11.28 1.40 3.39
N MET A 199 -11.32 2.44 2.56
CA MET A 199 -10.12 3.07 2.07
C MET A 199 -9.33 3.68 3.19
N GLN A 200 -10.03 4.28 4.15
CA GLN A 200 -9.41 4.86 5.32
C GLN A 200 -8.63 3.80 6.07
N ASP A 201 -9.20 2.62 6.22
CA ASP A 201 -8.61 1.54 6.96
C ASP A 201 -7.38 0.93 6.26
N ALA A 202 -7.41 0.87 4.94
CA ALA A 202 -6.31 0.32 4.17
C ALA A 202 -5.12 1.28 4.26
N VAL A 203 -5.41 2.58 4.25
CA VAL A 203 -4.41 3.60 4.44
C VAL A 203 -3.86 3.52 5.85
N LEU A 204 -4.75 3.46 6.84
CA LEU A 204 -4.28 3.43 8.23
C LEU A 204 -3.42 2.18 8.52
N ASN A 205 -3.74 1.07 7.88
CA ASN A 205 -2.93 -0.14 8.04
C ASN A 205 -1.48 0.08 7.59
N LEU A 206 -1.30 0.78 6.48
CA LEU A 206 0.06 1.16 6.04
C LEU A 206 0.70 2.24 6.92
N VAL A 207 -0.13 3.02 7.60
CA VAL A 207 0.34 4.09 8.49
C VAL A 207 0.44 3.62 9.95
N ARG A 208 0.42 2.29 10.15
CA ARG A 208 0.55 1.68 11.46
C ARG A 208 1.77 2.22 12.19
N ILE A 209 2.88 2.37 11.46
CA ILE A 209 4.12 2.88 12.04
C ILE A 209 3.98 4.29 12.64
N LYS A 210 3.10 5.09 12.07
CA LYS A 210 2.85 6.44 12.63
C LYS A 210 1.92 6.41 13.86
N LEU A 211 1.11 5.36 14.01
CA LEU A 211 0.32 5.19 15.22
C LEU A 211 1.23 4.72 16.36
N ARG A 212 2.28 3.99 16.01
CA ARG A 212 3.37 3.72 16.93
C ARG A 212 3.97 5.02 17.39
N ASP A 213 4.28 5.92 16.46
CA ASP A 213 4.91 7.18 16.79
C ASP A 213 3.98 8.04 17.66
N GLN A 214 2.69 8.03 17.38
CA GLN A 214 1.77 8.87 18.14
C GLN A 214 1.76 8.47 19.61
N GLN A 215 1.83 7.16 19.87
CA GLN A 215 1.79 6.66 21.23
C GLN A 215 3.12 6.94 21.91
N ARG A 216 4.21 6.73 21.19
CA ARG A 216 5.52 7.09 21.66
C ARG A 216 5.57 8.55 22.05
N LEU A 217 4.97 9.39 21.21
CA LEU A 217 4.96 10.83 21.45
C LEU A 217 4.15 11.19 22.69
N GLU A 218 3.02 10.53 22.89
CA GLU A 218 2.15 10.78 24.05
C GLU A 218 2.85 10.35 25.33
N ARG A 219 3.51 9.20 25.26
CA ARG A 219 4.17 8.58 26.42
C ARG A 219 5.46 9.26 26.84
N THR A 220 6.25 9.76 25.88
CA THR A 220 7.63 10.21 26.19
C THR A 220 7.93 11.66 25.85
N GLY A 221 7.13 12.25 24.97
CA GLY A 221 7.29 13.65 24.59
C GLY A 221 8.30 13.87 23.48
N ILE A 222 8.88 12.81 22.93
CA ILE A 222 9.90 12.95 21.88
C ILE A 222 9.94 11.76 20.91
N LEU A 223 10.30 12.04 19.66
CA LEU A 223 10.59 11.00 18.67
C LEU A 223 12.02 11.24 18.20
N ALA A 224 12.98 10.59 18.85
CA ALA A 224 14.39 10.91 18.72
C ALA A 224 14.99 10.67 17.31
N GLU A 225 14.32 9.87 16.49
CA GLU A 225 14.74 9.60 15.12
C GLU A 225 14.23 10.63 14.07
N TYR A 226 13.46 11.62 14.53
CA TYR A 226 12.90 12.63 13.63
C TYR A 226 13.82 13.83 13.55
N PRO A 227 13.83 14.54 12.43
CA PRO A 227 14.69 15.72 12.28
C PRO A 227 14.46 16.75 13.38
N GLN A 228 13.21 16.89 13.84
CA GLN A 228 12.84 17.91 14.82
C GLN A 228 13.53 17.67 16.15
N ALA A 229 14.00 16.45 16.38
CA ALA A 229 14.75 16.12 17.60
C ALA A 229 16.16 16.71 17.63
N GLN A 230 16.72 17.08 16.47
CA GLN A 230 17.98 17.83 16.43
C GLN A 230 17.71 19.28 16.82
N PRO A 231 18.28 19.77 17.93
CA PRO A 231 18.12 21.19 18.30
C PRO A 231 18.50 22.16 17.19
N ASN A 232 17.61 23.12 16.98
CA ASN A 232 17.73 24.19 15.99
C ASN A 232 17.98 23.75 14.56
N PHE A 233 17.37 22.60 14.19
CA PHE A 233 17.43 22.16 12.80
C PHE A 233 16.21 22.56 12.01
N ALA A 234 15.03 22.33 12.59
CA ALA A 234 13.78 22.47 11.86
C ALA A 234 13.07 23.75 12.26
N PHE A 235 12.50 24.41 11.26
CA PHE A 235 11.79 25.67 11.41
C PHE A 235 10.54 25.68 10.54
N ASP A 236 9.46 26.29 11.03
CA ASP A 236 8.24 26.46 10.23
C ASP A 236 8.41 27.59 9.22
N ARG A 237 7.35 27.95 8.50
CA ARG A 237 7.50 28.87 7.36
C ARG A 237 7.67 30.34 7.79
N ASP A 238 7.32 30.63 9.04
CA ASP A 238 7.59 31.92 9.69
C ASP A 238 8.98 31.97 10.37
N GLY A 239 9.77 30.89 10.29
CA GLY A 239 11.04 30.82 10.98
C GLY A 239 11.01 30.48 12.47
N ASN A 240 9.86 30.08 13.01
CA ASN A 240 9.80 29.64 14.41
C ASN A 240 10.39 28.23 14.57
N PRO A 241 11.16 28.01 15.63
CA PRO A 241 11.83 26.72 15.83
C PRO A 241 10.83 25.59 16.11
N LEU A 242 11.11 24.41 15.59
CA LEU A 242 10.27 23.26 15.83
C LEU A 242 11.04 22.27 16.67
N SER A 243 10.49 21.99 17.85
CA SER A 243 11.01 20.95 18.71
C SER A 243 9.84 20.16 19.25
N PHE A 244 10.14 19.03 19.88
CA PHE A 244 9.09 18.16 20.40
C PHE A 244 8.51 18.66 21.72
N ASP A 245 9.12 19.69 22.31
CA ASP A 245 8.47 20.44 23.42
C ASP A 245 7.03 20.82 23.08
N ASN A 246 6.79 21.22 21.82
CA ASN A 246 5.50 21.73 21.37
C ASN A 246 4.79 20.91 20.27
N ILE A 247 5.21 19.67 20.05
CA ILE A 247 4.55 18.81 19.07
C ILE A 247 3.77 17.74 19.82
N THR A 248 2.46 17.68 19.57
CA THR A 248 1.57 16.73 20.22
C THR A 248 0.94 15.70 19.26
N SER A 249 1.10 15.90 17.95
CA SER A 249 0.68 14.93 16.95
C SER A 249 1.84 14.66 16.00
N VAL A 250 2.00 13.40 15.58
CA VAL A 250 3.12 12.99 14.75
C VAL A 250 3.29 13.98 13.60
N PRO A 251 4.46 14.60 13.47
CA PRO A 251 4.68 15.59 12.41
C PRO A 251 5.22 14.97 11.13
N ARG A 252 5.23 15.80 10.07
CA ARG A 252 5.99 15.48 8.87
C ARG A 252 7.48 15.55 9.18
N GLY A 253 8.19 14.54 8.72
CA GLY A 253 9.61 14.39 9.00
C GLY A 253 10.47 14.41 7.74
N GLY A 254 9.92 14.94 6.66
CA GLY A 254 10.66 15.05 5.43
C GLY A 254 11.02 13.69 4.92
N ASN A 255 12.30 13.50 4.66
CA ASN A 255 12.78 12.23 4.15
C ASN A 255 13.45 11.34 5.18
N ALA A 256 13.03 11.48 6.45
CA ALA A 256 13.49 10.62 7.54
C ALA A 256 13.01 9.17 7.33
N GLY A 257 13.57 8.26 8.13
CA GLY A 257 13.56 6.84 7.84
C GLY A 257 12.28 6.05 7.97
N GLY A 258 11.29 6.58 8.67
CA GLY A 258 10.05 5.86 8.90
C GLY A 258 10.32 4.64 9.74
N GLY A 259 9.78 3.50 9.31
CA GLY A 259 10.01 2.22 9.96
C GLY A 259 11.33 1.56 9.57
N GLY A 260 12.05 2.15 8.62
CA GLY A 260 13.42 1.74 8.38
C GLY A 260 14.36 2.37 9.41
N GLN A 261 15.63 1.99 9.34
CA GLN A 261 16.65 2.68 10.13
C GLN A 261 16.77 4.09 9.60
N PRO A 262 17.29 5.01 10.42
CA PRO A 262 17.43 6.41 10.01
C PRO A 262 18.07 6.55 8.65
N GLY A 263 17.54 7.48 7.86
CA GLY A 263 18.08 7.77 6.54
C GLY A 263 17.65 9.14 6.03
N TRP A 264 18.13 9.48 4.84
CA TRP A 264 17.78 10.74 4.18
C TRP A 264 17.99 10.64 2.68
N MET A 265 17.33 11.55 1.98
CA MET A 265 17.39 11.68 0.54
C MET A 265 18.53 12.61 0.17
N LEU A 266 19.59 12.06 -0.42
CA LEU A 266 20.79 12.82 -0.70
C LEU A 266 20.97 13.05 -2.20
N LYS A 267 21.33 14.28 -2.52
CA LYS A 267 21.57 14.73 -3.88
C LYS A 267 22.76 14.00 -4.45
N CYS A 268 22.65 13.65 -5.73
CA CYS A 268 23.77 13.15 -6.52
C CYS A 268 24.06 14.13 -7.64
N LYS A 269 25.12 13.87 -8.41
CA LYS A 269 25.49 14.73 -9.54
C LYS A 269 24.29 14.99 -10.44
N GLY A 270 24.09 16.26 -10.80
CA GLY A 270 23.06 16.63 -11.74
C GLY A 270 21.70 16.95 -11.15
N TRP A 271 21.57 16.96 -9.82
CA TRP A 271 20.30 17.25 -9.14
C TRP A 271 19.62 18.58 -9.48
N GLU A 272 20.41 19.57 -9.91
CA GLU A 272 19.85 20.90 -10.25
C GLU A 272 18.99 20.83 -11.51
N THR A 273 19.37 19.93 -12.42
CA THR A 273 18.75 19.73 -13.73
C THR A 273 17.86 18.48 -13.78
N ASP A 274 18.17 17.47 -12.97
CA ASP A 274 17.53 16.17 -13.05
C ASP A 274 16.84 15.93 -11.72
N ALA A 275 15.51 15.97 -11.77
CA ALA A 275 14.65 15.90 -10.60
C ALA A 275 14.84 14.61 -9.77
N ASP A 276 15.33 13.55 -10.39
CA ASP A 276 15.42 12.25 -9.74
C ASP A 276 16.85 11.80 -9.44
N SER A 277 17.81 12.74 -9.52
CA SER A 277 19.22 12.44 -9.27
C SER A 277 19.54 12.48 -7.77
N TYR A 278 19.04 11.48 -7.06
CA TYR A 278 19.17 11.34 -5.63
C TYR A 278 19.32 9.87 -5.29
N VAL A 279 19.88 9.60 -4.12
CA VAL A 279 19.80 8.28 -3.49
C VAL A 279 19.14 8.40 -2.11
N TYR A 280 18.56 7.30 -1.64
CA TYR A 280 18.21 7.18 -0.25
C TYR A 280 19.34 6.45 0.45
N PHE A 281 19.82 7.04 1.55
CA PHE A 281 21.01 6.57 2.26
C PHE A 281 20.68 6.36 3.72
N THR A 282 20.95 5.15 4.20
CA THR A 282 20.57 4.72 5.55
C THR A 282 21.79 4.74 6.46
N ILE A 283 21.63 5.32 7.65
CA ILE A 283 22.60 5.21 8.72
C ILE A 283 22.01 4.26 9.77
N ALA A 284 22.28 2.97 9.58
CA ALA A 284 21.82 1.94 10.49
C ALA A 284 22.77 1.85 11.69
N ALA A 285 22.21 1.47 12.83
CA ALA A 285 22.93 1.44 14.10
C ALA A 285 24.15 0.54 14.09
N ASN A 286 24.07 -0.57 13.37
CA ASN A 286 25.19 -1.55 13.29
C ASN A 286 26.28 -1.22 12.23
N MET A 287 26.16 -0.07 11.56
CA MET A 287 26.98 0.26 10.40
C MET A 287 27.84 1.52 10.53
N TRP A 288 28.01 2.03 11.73
CA TRP A 288 28.76 3.26 11.91
C TRP A 288 30.22 3.13 11.46
N PRO A 289 30.97 2.10 11.87
CA PRO A 289 32.35 1.94 11.39
C PRO A 289 32.46 1.88 9.88
N GLN A 290 31.54 1.20 9.21
CA GLN A 290 31.55 1.12 7.76
C GLN A 290 31.33 2.51 7.13
N ILE A 291 30.38 3.26 7.68
CA ILE A 291 30.09 4.61 7.18
C ILE A 291 31.32 5.50 7.33
N CYS A 292 31.94 5.47 8.50
CA CYS A 292 33.18 6.20 8.75
C CYS A 292 34.29 5.87 7.75
N ASP A 293 34.42 4.60 7.35
CA ASP A 293 35.43 4.23 6.35
C ASP A 293 35.07 4.84 5.00
N MET A 294 33.82 4.67 4.60
CA MET A 294 33.35 5.19 3.31
C MET A 294 33.61 6.68 3.14
N ILE A 295 33.37 7.47 4.18
CA ILE A 295 33.49 8.93 4.10
C ILE A 295 34.82 9.48 4.64
N ASP A 296 35.74 8.57 4.97
CA ASP A 296 37.06 8.91 5.53
C ASP A 296 36.98 9.84 6.75
N LYS A 297 36.23 9.36 7.73
CA LYS A 297 36.13 9.99 9.03
C LYS A 297 36.51 8.99 10.13
N PRO A 298 37.77 8.53 10.13
CA PRO A 298 38.21 7.56 11.14
C PRO A 298 38.02 8.11 12.55
N GLU A 299 38.24 9.40 12.72
CA GLU A 299 38.08 10.09 14.01
C GLU A 299 36.66 10.01 14.59
N TRP A 300 35.66 9.75 13.76
CA TRP A 300 34.29 9.55 14.24
C TRP A 300 33.98 8.15 14.79
N LYS A 301 34.83 7.16 14.51
CA LYS A 301 34.55 5.76 14.88
C LYS A 301 34.37 5.54 16.39
N ASP A 302 35.29 6.10 17.17
CA ASP A 302 35.39 5.86 18.62
C ASP A 302 34.93 7.05 19.47
N ASP A 303 34.35 8.06 18.82
CA ASP A 303 33.83 9.24 19.50
C ASP A 303 32.36 9.00 19.87
N PRO A 304 32.02 8.97 21.17
CA PRO A 304 30.62 8.76 21.60
C PRO A 304 29.60 9.83 21.14
N ALA A 305 30.10 11.00 20.75
CA ALA A 305 29.27 12.01 20.11
C ALA A 305 28.76 11.55 18.73
N TYR A 306 29.41 10.55 18.14
CA TYR A 306 29.09 10.05 16.79
C TYR A 306 28.70 8.57 16.67
N ASN A 307 29.15 7.72 17.59
CA ASN A 307 29.09 6.27 17.35
C ASN A 307 27.89 5.52 17.93
N THR A 308 26.97 6.24 18.57
CA THR A 308 25.65 5.67 18.89
C THR A 308 24.53 6.48 18.26
N PHE A 309 23.38 5.85 18.10
CA PHE A 309 22.18 6.53 17.65
C PHE A 309 21.87 7.73 18.54
N GLU A 310 22.07 7.55 19.84
CA GLU A 310 21.70 8.53 20.84
C GLU A 310 22.65 9.75 20.77
N GLY A 311 23.93 9.49 20.54
CA GLY A 311 24.89 10.56 20.37
C GLY A 311 24.65 11.35 19.09
N ARG A 312 24.10 10.68 18.08
CA ARG A 312 23.87 11.34 16.78
C ARG A 312 22.59 12.15 16.74
N VAL A 313 21.71 12.00 17.74
CA VAL A 313 20.39 12.64 17.72
C VAL A 313 20.52 14.16 17.50
N ASP A 314 21.46 14.78 18.22
CA ASP A 314 21.67 16.21 18.15
C ASP A 314 22.40 16.72 16.90
N LYS A 315 22.77 15.83 15.98
CA LYS A 315 23.59 16.22 14.83
C LYS A 315 23.40 15.40 13.54
N LEU A 316 22.37 14.56 13.51
CA LEU A 316 22.20 13.61 12.43
C LEU A 316 22.08 14.31 11.08
N MET A 317 21.34 15.41 11.06
CA MET A 317 21.16 16.20 9.84
C MET A 317 22.46 16.80 9.33
N ASP A 318 23.37 17.21 10.24
CA ASP A 318 24.71 17.67 9.84
C ASP A 318 25.54 16.54 9.22
N ILE A 319 25.43 15.34 9.79
CA ILE A 319 26.12 14.17 9.27
C ILE A 319 25.63 13.86 7.86
N PHE A 320 24.31 13.87 7.66
CA PHE A 320 23.75 13.62 6.33
C PHE A 320 24.24 14.65 5.34
N SER A 321 24.28 15.89 5.77
CA SER A 321 24.68 16.98 4.91
C SER A 321 26.15 16.77 4.49
N PHE A 322 26.99 16.28 5.41
CA PHE A 322 28.38 16.01 5.10
C PHE A 322 28.54 14.79 4.17
N ILE A 323 27.78 13.73 4.42
CA ILE A 323 27.81 12.56 3.54
C ILE A 323 27.44 12.95 2.10
N GLU A 324 26.40 13.75 1.95
CA GLU A 324 25.94 14.24 0.65
C GLU A 324 27.04 14.90 -0.19
N THR A 325 27.88 15.63 0.50
CA THR A 325 29.09 16.25 -0.04
C THR A 325 30.01 15.28 -0.86
N LYS A 326 30.09 14.03 -0.43
CA LYS A 326 30.88 12.99 -1.13
C LYS A 326 30.22 12.49 -2.42
N PHE A 327 28.97 12.89 -2.67
CA PHE A 327 28.21 12.42 -3.85
C PHE A 327 28.09 13.47 -4.94
N ALA A 328 28.67 14.66 -4.71
CA ALA A 328 28.56 15.76 -5.67
C ALA A 328 28.95 15.38 -7.11
N ASP A 329 29.94 14.51 -7.27
CA ASP A 329 30.49 14.19 -8.59
C ASP A 329 30.15 12.80 -9.09
N LYS A 330 29.20 12.14 -8.42
CA LYS A 330 28.79 10.79 -8.81
C LYS A 330 27.29 10.76 -9.04
N ASP A 331 26.87 10.06 -10.09
CA ASP A 331 25.45 9.86 -10.32
C ASP A 331 24.89 8.82 -9.33
N LYS A 332 23.57 8.69 -9.32
CA LYS A 332 22.87 7.88 -8.34
C LYS A 332 23.22 6.39 -8.41
N PHE A 333 23.58 5.90 -9.60
CA PHE A 333 23.97 4.49 -9.77
C PHE A 333 25.37 4.24 -9.25
N GLU A 334 26.29 5.17 -9.49
CA GLU A 334 27.64 5.09 -8.92
C GLU A 334 27.62 5.13 -7.38
N VAL A 335 26.77 5.99 -6.80
CA VAL A 335 26.67 6.09 -5.35
C VAL A 335 26.08 4.80 -4.79
N THR A 336 25.07 4.28 -5.46
CA THR A 336 24.45 3.03 -5.05
C THR A 336 25.46 1.87 -5.03
N GLU A 337 26.31 1.81 -6.05
CA GLU A 337 27.31 0.74 -6.17
C GLU A 337 28.39 0.91 -5.10
N TRP A 338 28.80 2.16 -4.89
CA TRP A 338 29.79 2.50 -3.89
C TRP A 338 29.30 2.09 -2.49
N ALA A 339 28.07 2.47 -2.15
CA ALA A 339 27.47 2.13 -0.86
C ALA A 339 27.30 0.62 -0.69
N ALA A 340 26.97 -0.08 -1.78
CA ALA A 340 26.81 -1.55 -1.77
C ALA A 340 28.09 -2.27 -1.36
N GLN A 341 29.25 -1.73 -1.75
CA GLN A 341 30.54 -2.26 -1.33
C GLN A 341 30.69 -2.38 0.18
N TYR A 342 30.08 -1.44 0.92
CA TYR A 342 30.06 -1.41 2.39
C TYR A 342 28.88 -2.12 3.04
N GLY A 343 27.96 -2.65 2.24
CA GLY A 343 26.76 -3.28 2.75
C GLY A 343 25.69 -2.28 3.23
N ILE A 344 25.83 -1.02 2.86
CA ILE A 344 24.95 0.04 3.38
C ILE A 344 23.67 0.07 2.54
N PRO A 345 22.50 -0.11 3.18
CA PRO A 345 21.21 0.05 2.50
C PRO A 345 21.10 1.43 1.88
N CYS A 346 21.01 1.43 0.56
CA CYS A 346 21.14 2.64 -0.21
C CYS A 346 20.72 2.30 -1.62
N GLY A 347 19.89 3.15 -2.19
CA GLY A 347 19.43 2.94 -3.54
C GLY A 347 19.00 4.23 -4.18
N PRO A 348 18.90 4.18 -5.51
CA PRO A 348 18.57 5.36 -6.28
C PRO A 348 17.07 5.64 -6.27
N VAL A 349 16.74 6.91 -6.48
CA VAL A 349 15.40 7.31 -6.85
C VAL A 349 15.27 6.97 -8.31
N MET A 350 14.54 5.89 -8.59
CA MET A 350 14.25 5.48 -9.95
C MET A 350 13.15 6.35 -10.52
N SER A 351 13.42 6.97 -11.65
CA SER A 351 12.43 7.76 -12.37
C SER A 351 11.44 6.81 -13.07
N MET A 352 10.24 7.28 -13.34
CA MET A 352 9.28 6.46 -14.08
C MET A 352 9.81 6.08 -15.48
N LYS A 353 10.59 6.97 -16.11
CA LYS A 353 11.19 6.65 -17.43
C LYS A 353 12.15 5.49 -17.29
N GLU A 354 13.06 5.57 -16.31
CA GLU A 354 13.98 4.48 -15.99
C GLU A 354 13.23 3.16 -15.67
N LEU A 355 12.15 3.25 -14.93
CA LEU A 355 11.41 2.05 -14.54
C LEU A 355 10.71 1.38 -15.73
N ALA A 356 10.15 2.20 -16.62
CA ALA A 356 9.42 1.72 -17.80
C ALA A 356 10.28 0.93 -18.78
N HIS A 357 11.59 1.22 -18.82
CA HIS A 357 12.51 0.55 -19.75
C HIS A 357 13.62 -0.24 -19.04
N ASP A 358 13.47 -0.45 -17.72
CA ASP A 358 14.41 -1.26 -16.94
C ASP A 358 14.36 -2.75 -17.36
N PRO A 359 15.49 -3.30 -17.82
CA PRO A 359 15.55 -4.72 -18.21
C PRO A 359 15.24 -5.69 -17.08
N SER A 360 15.67 -5.41 -15.85
CA SER A 360 15.41 -6.34 -14.76
C SER A 360 13.92 -6.55 -14.52
N LEU A 361 13.17 -5.45 -14.48
CA LEU A 361 11.75 -5.53 -14.15
C LEU A 361 10.99 -6.26 -15.25
N GLN A 362 11.44 -6.13 -16.50
CA GLN A 362 10.84 -6.87 -17.61
C GLN A 362 11.18 -8.36 -17.53
N LYS A 363 12.44 -8.66 -17.18
CA LYS A 363 12.90 -10.04 -17.06
C LYS A 363 12.10 -10.79 -15.98
N VAL A 364 11.81 -10.13 -14.86
CA VAL A 364 11.13 -10.78 -13.74
C VAL A 364 9.60 -10.73 -13.88
N GLY A 365 9.11 -10.07 -14.92
CA GLY A 365 7.67 -10.05 -15.20
C GLY A 365 6.88 -9.06 -14.36
N THR A 366 7.55 -8.05 -13.84
CA THR A 366 6.91 -7.02 -13.03
C THR A 366 6.47 -5.82 -13.86
N VAL A 367 7.26 -5.42 -14.84
CA VAL A 367 6.81 -4.54 -15.93
C VAL A 367 6.62 -5.44 -17.13
N VAL A 368 5.40 -5.45 -17.69
CA VAL A 368 5.03 -6.38 -18.76
C VAL A 368 4.46 -5.64 -19.98
N GLU A 369 4.92 -6.00 -21.17
CA GLU A 369 4.30 -5.51 -22.41
C GLU A 369 3.08 -6.36 -22.72
N VAL A 370 1.90 -5.72 -22.67
CA VAL A 370 0.65 -6.34 -23.07
C VAL A 370 0.46 -6.23 -24.61
N VAL A 371 0.17 -7.37 -25.26
CA VAL A 371 -0.16 -7.39 -26.69
C VAL A 371 -1.61 -6.92 -26.86
N ASP A 372 -1.78 -5.78 -27.52
CA ASP A 372 -3.09 -5.20 -27.81
C ASP A 372 -3.10 -4.75 -29.28
N GLU A 373 -3.66 -5.59 -30.14
CA GLU A 373 -3.67 -5.35 -31.59
C GLU A 373 -4.62 -4.23 -31.98
N ILE A 374 -5.61 -3.98 -31.13
CA ILE A 374 -6.59 -2.94 -31.38
C ILE A 374 -6.08 -1.53 -31.05
N ARG A 375 -5.44 -1.38 -29.89
CA ARG A 375 -5.03 -0.07 -29.39
C ARG A 375 -3.54 0.17 -29.56
N GLY A 376 -2.81 -0.85 -29.97
CA GLY A 376 -1.35 -0.84 -29.87
C GLY A 376 -0.91 -1.36 -28.51
N ASN A 377 0.25 -2.01 -28.49
CA ASN A 377 0.81 -2.54 -27.25
C ASN A 377 1.05 -1.48 -26.20
N HIS A 378 0.99 -1.90 -24.94
CA HIS A 378 1.30 -1.01 -23.84
C HIS A 378 1.97 -1.74 -22.69
N LEU A 379 2.59 -0.98 -21.80
CA LEU A 379 3.19 -1.55 -20.60
C LEU A 379 2.15 -1.57 -19.49
N THR A 380 2.28 -2.56 -18.61
CA THR A 380 1.54 -2.56 -17.36
C THR A 380 2.44 -3.12 -16.26
N VAL A 381 1.99 -3.02 -15.01
CA VAL A 381 2.63 -3.76 -13.93
C VAL A 381 1.98 -5.14 -13.85
N GLY A 382 2.80 -6.17 -13.79
CA GLY A 382 2.31 -7.52 -13.68
C GLY A 382 2.10 -7.88 -12.22
N ALA A 383 2.11 -9.19 -11.95
CA ALA A 383 1.94 -9.70 -10.61
C ALA A 383 3.19 -9.44 -9.77
N PRO A 384 3.03 -8.75 -8.64
CA PRO A 384 4.15 -8.47 -7.74
C PRO A 384 4.56 -9.64 -6.86
N PHE A 385 3.79 -10.72 -6.90
CA PHE A 385 4.10 -11.96 -6.19
C PHE A 385 4.54 -12.93 -7.27
N LYS A 386 5.70 -13.55 -7.05
CA LYS A 386 6.30 -14.52 -7.96
C LYS A 386 6.17 -15.90 -7.33
N PHE A 387 5.65 -16.85 -8.11
CA PHE A 387 5.38 -18.20 -7.65
C PHE A 387 6.26 -19.21 -8.38
N SER A 388 6.67 -20.27 -7.67
CA SER A 388 7.54 -21.30 -8.24
C SER A 388 6.85 -22.17 -9.30
N GLY A 389 5.52 -22.32 -9.23
CA GLY A 389 4.81 -23.20 -10.14
C GLY A 389 3.68 -22.54 -10.91
N PHE A 390 3.87 -21.28 -11.28
CA PHE A 390 2.82 -20.53 -11.97
C PHE A 390 3.30 -19.17 -12.48
N GLN A 391 2.95 -18.89 -13.73
CA GLN A 391 3.29 -17.65 -14.41
C GLN A 391 2.00 -17.01 -14.90
N PRO A 392 1.74 -15.73 -14.60
CA PRO A 392 0.57 -15.05 -15.20
C PRO A 392 0.70 -14.86 -16.71
N GLU A 393 -0.44 -14.90 -17.40
CA GLU A 393 -0.52 -14.62 -18.84
C GLU A 393 -1.47 -13.45 -18.98
N ILE A 394 -0.92 -12.25 -19.20
CA ILE A 394 -1.71 -11.04 -19.19
C ILE A 394 -2.26 -10.78 -20.58
N THR A 395 -3.58 -10.62 -20.68
CA THR A 395 -4.26 -10.35 -21.95
C THR A 395 -4.98 -9.00 -21.93
N ARG A 396 -5.18 -8.44 -23.11
CA ARG A 396 -5.62 -7.05 -23.24
C ARG A 396 -6.99 -6.77 -22.66
N ALA A 397 -7.18 -5.54 -22.20
CA ALA A 397 -8.46 -5.11 -21.65
C ALA A 397 -9.55 -5.13 -22.73
N PRO A 398 -10.78 -5.45 -22.34
CA PRO A 398 -11.89 -5.58 -23.29
C PRO A 398 -12.41 -4.26 -23.81
N LEU A 399 -12.94 -4.27 -25.01
CA LEU A 399 -13.68 -3.13 -25.54
C LEU A 399 -15.03 -3.11 -24.83
N LEU A 400 -15.70 -1.95 -24.81
CA LEU A 400 -16.98 -1.84 -24.13
C LEU A 400 -18.04 -2.73 -24.81
N GLY A 401 -18.58 -3.66 -24.03
CA GLY A 401 -19.63 -4.56 -24.48
C GLY A 401 -19.13 -5.68 -25.39
N GLU A 402 -17.81 -5.89 -25.39
CA GLU A 402 -17.18 -6.80 -26.35
C GLU A 402 -17.72 -8.21 -26.23
N HIS A 403 -18.05 -8.60 -24.99
CA HIS A 403 -18.40 -9.96 -24.67
C HIS A 403 -19.83 -10.07 -24.20
N THR A 404 -20.61 -9.00 -24.35
CA THR A 404 -22.03 -9.00 -24.00
C THR A 404 -22.76 -10.24 -24.49
N ASP A 405 -22.67 -10.52 -25.80
CA ASP A 405 -23.41 -11.63 -26.41
C ASP A 405 -22.82 -12.98 -26.01
N GLU A 406 -21.49 -13.07 -26.00
CA GLU A 406 -20.77 -14.24 -25.50
C GLU A 406 -21.27 -14.65 -24.09
N VAL A 407 -21.45 -13.67 -23.22
CA VAL A 407 -21.75 -13.89 -21.80
C VAL A 407 -23.22 -14.27 -21.62
N LEU A 408 -24.10 -13.58 -22.33
CA LEU A 408 -25.53 -13.91 -22.35
C LEU A 408 -25.77 -15.34 -22.84
N LYS A 409 -25.02 -15.78 -23.85
CA LYS A 409 -25.12 -17.15 -24.38
C LYS A 409 -24.72 -18.20 -23.35
N GLU A 410 -23.73 -17.88 -22.53
CA GLU A 410 -23.25 -18.76 -21.46
C GLU A 410 -24.28 -18.96 -20.34
N LEU A 411 -25.16 -17.97 -20.17
CA LEU A 411 -26.25 -18.02 -19.18
C LEU A 411 -27.47 -18.81 -19.66
N GLY A 412 -27.46 -19.25 -20.92
CA GLY A 412 -28.50 -20.11 -21.47
C GLY A 412 -29.59 -19.40 -22.27
N LEU A 413 -29.35 -18.14 -22.62
CA LEU A 413 -30.30 -17.36 -23.40
C LEU A 413 -30.19 -17.76 -24.87
N ASP A 414 -31.34 -17.88 -25.55
CA ASP A 414 -31.34 -18.19 -26.98
C ASP A 414 -31.15 -16.93 -27.83
N ASP A 415 -30.78 -17.12 -29.09
CA ASP A 415 -30.50 -16.02 -30.02
C ASP A 415 -31.57 -14.93 -30.05
N ALA A 416 -32.83 -15.33 -29.89
CA ALA A 416 -33.97 -14.41 -29.97
C ALA A 416 -34.05 -13.45 -28.78
N LYS A 417 -33.82 -13.96 -27.57
CA LYS A 417 -33.85 -13.11 -26.36
C LYS A 417 -32.66 -12.15 -26.27
N ILE A 418 -31.53 -12.50 -26.90
CA ILE A 418 -30.38 -11.61 -26.98
C ILE A 418 -30.68 -10.41 -27.88
N LYS A 419 -31.31 -10.66 -29.02
CA LYS A 419 -31.79 -9.59 -29.92
C LYS A 419 -32.78 -8.69 -29.18
N GLU A 420 -33.61 -9.31 -28.34
CA GLU A 420 -34.65 -8.61 -27.59
C GLU A 420 -34.07 -7.65 -26.56
N LEU A 421 -32.98 -8.05 -25.91
CA LEU A 421 -32.32 -7.24 -24.90
C LEU A 421 -31.60 -6.05 -25.55
N HIS A 422 -31.01 -6.27 -26.72
CA HIS A 422 -30.40 -5.17 -27.48
C HIS A 422 -31.45 -4.11 -27.81
N ALA A 423 -32.63 -4.54 -28.26
CA ALA A 423 -33.70 -3.62 -28.66
C ALA A 423 -34.28 -2.82 -27.48
N LYS A 424 -34.49 -3.50 -26.36
CA LYS A 424 -35.03 -2.89 -25.13
C LYS A 424 -34.01 -2.00 -24.40
N GLN A 425 -32.77 -1.96 -24.88
CA GLN A 425 -31.71 -1.12 -24.33
C GLN A 425 -31.31 -1.52 -22.91
N VAL A 426 -31.37 -2.83 -22.66
CA VAL A 426 -30.92 -3.45 -21.42
C VAL A 426 -29.42 -3.75 -21.52
N VAL A 427 -28.94 -3.88 -22.75
CA VAL A 427 -27.62 -4.46 -22.99
C VAL A 427 -26.93 -3.75 -24.17
N THR B 1 -16.29 -18.36 12.59
CA THR B 1 -15.12 -19.21 12.28
C THR B 1 -14.05 -18.38 11.57
N LYS B 2 -12.81 -18.63 11.95
CA LYS B 2 -11.69 -17.83 11.49
C LYS B 2 -11.13 -18.39 10.17
N PRO B 3 -10.89 -17.52 9.19
CA PRO B 3 -10.39 -17.95 7.88
C PRO B 3 -9.17 -18.88 7.91
N LEU B 4 -8.23 -18.59 8.79
CA LEU B 4 -6.95 -19.31 8.83
C LEU B 4 -6.78 -20.16 10.10
N ASP B 5 -7.89 -20.42 10.79
CA ASP B 5 -7.92 -21.43 11.84
C ASP B 5 -7.33 -22.77 11.36
N GLY B 6 -6.41 -23.32 12.14
CA GLY B 6 -5.74 -24.57 11.78
C GLY B 6 -4.54 -24.45 10.85
N ILE B 7 -4.25 -23.23 10.38
CA ILE B 7 -3.08 -23.01 9.52
C ILE B 7 -1.89 -22.72 10.42
N ASN B 8 -0.84 -23.51 10.29
CA ASN B 8 0.33 -23.38 11.14
C ASN B 8 1.43 -22.62 10.40
N VAL B 9 1.87 -21.51 11.00
CA VAL B 9 2.80 -20.60 10.36
C VAL B 9 4.12 -20.61 11.10
N LEU B 10 5.19 -21.01 10.42
CA LEU B 10 6.53 -20.96 10.96
C LEU B 10 7.15 -19.63 10.54
N ASP B 11 7.29 -18.73 11.50
CA ASP B 11 7.48 -17.32 11.25
C ASP B 11 8.90 -16.87 11.62
N PHE B 12 9.78 -16.80 10.61
CA PHE B 12 11.16 -16.32 10.82
C PHE B 12 11.29 -14.80 10.80
N THR B 13 10.21 -14.07 10.59
CA THR B 13 10.32 -12.69 10.17
C THR B 13 10.80 -11.73 11.24
N HIS B 14 11.28 -10.58 10.78
CA HIS B 14 11.74 -9.54 11.65
C HIS B 14 11.52 -8.17 11.01
N VAL B 15 11.71 -7.11 11.80
CA VAL B 15 11.43 -5.74 11.37
C VAL B 15 9.92 -5.57 11.06
N GLN B 16 9.54 -5.18 9.84
CA GLN B 16 8.15 -4.78 9.58
C GLN B 16 7.44 -5.59 8.52
N ALA B 17 8.04 -5.75 7.33
CA ALA B 17 7.35 -6.36 6.19
C ALA B 17 6.86 -7.77 6.48
N GLY B 18 7.78 -8.62 6.91
CA GLY B 18 7.43 -10.00 7.25
C GLY B 18 6.50 -10.08 8.45
N PRO B 19 6.82 -9.41 9.57
CA PRO B 19 5.93 -9.47 10.75
C PRO B 19 4.51 -8.91 10.54
N ALA B 20 4.38 -7.92 9.67
CA ALA B 20 3.06 -7.38 9.37
C ALA B 20 2.18 -8.46 8.73
N CYS B 21 2.77 -9.19 7.79
CA CYS B 21 2.09 -10.28 7.10
C CYS B 21 1.64 -11.34 8.10
N THR B 22 2.57 -11.86 8.91
CA THR B 22 2.21 -12.96 9.81
C THR B 22 1.30 -12.51 10.94
N GLN B 23 1.44 -11.26 11.41
CA GLN B 23 0.53 -10.73 12.42
C GLN B 23 -0.86 -10.71 11.86
N MET B 24 -1.01 -10.26 10.61
CA MET B 24 -2.34 -10.17 10.02
C MET B 24 -2.93 -11.56 9.79
N MET B 25 -2.09 -12.54 9.45
CA MET B 25 -2.57 -13.92 9.31
C MET B 25 -3.08 -14.40 10.68
N GLY B 26 -2.34 -14.09 11.74
CA GLY B 26 -2.73 -14.41 13.10
C GLY B 26 -4.05 -13.79 13.51
N PHE B 27 -4.28 -12.54 13.10
CA PHE B 27 -5.55 -11.86 13.33
C PHE B 27 -6.70 -12.63 12.69
N LEU B 28 -6.43 -13.30 11.58
CA LEU B 28 -7.42 -14.13 10.89
C LEU B 28 -7.44 -15.59 11.35
N GLY B 29 -6.77 -15.88 12.47
CA GLY B 29 -6.88 -17.15 13.14
C GLY B 29 -5.73 -18.10 12.98
N ALA B 30 -4.72 -17.73 12.21
CA ALA B 30 -3.54 -18.57 12.03
C ALA B 30 -2.78 -18.75 13.33
N ASN B 31 -2.13 -19.90 13.44
CA ASN B 31 -1.30 -20.27 14.57
C ASN B 31 0.13 -19.91 14.22
N VAL B 32 0.58 -18.74 14.69
CA VAL B 32 1.88 -18.17 14.31
C VAL B 32 2.94 -18.40 15.40
N ILE B 33 3.98 -19.13 15.04
CA ILE B 33 5.14 -19.36 15.88
C ILE B 33 6.31 -18.52 15.36
N LYS B 34 6.63 -17.45 16.06
CA LYS B 34 7.75 -16.58 15.74
C LYS B 34 9.07 -17.12 16.27
N ILE B 35 9.97 -17.49 15.34
CA ILE B 35 11.36 -17.84 15.65
C ILE B 35 12.16 -16.55 15.75
N GLU B 36 12.94 -16.43 16.83
CA GLU B 36 13.73 -15.22 17.10
C GLU B 36 15.15 -15.58 17.55
N ARG B 37 16.08 -14.63 17.42
CA ARG B 37 17.44 -14.77 17.95
C ARG B 37 17.45 -14.87 19.47
N ARG B 38 18.35 -15.68 20.02
CA ARG B 38 18.54 -15.76 21.48
C ARG B 38 19.04 -14.42 22.03
N GLY B 39 18.52 -14.01 23.18
CA GLY B 39 18.98 -12.81 23.87
C GLY B 39 18.30 -11.50 23.46
N SER B 40 18.33 -11.19 22.18
CA SER B 40 17.82 -9.90 21.70
C SER B 40 16.53 -10.05 20.90
N GLY B 41 16.37 -11.19 20.25
CA GLY B 41 15.18 -11.46 19.46
C GLY B 41 15.07 -10.54 18.26
N ASP B 42 13.85 -10.41 17.76
CA ASP B 42 13.54 -9.48 16.69
C ASP B 42 14.13 -8.13 17.03
N MET B 43 14.86 -7.52 16.09
CA MET B 43 15.44 -6.20 16.34
C MET B 43 14.42 -5.10 16.67
N THR B 44 13.14 -5.28 16.37
CA THR B 44 12.15 -4.28 16.81
C THR B 44 11.96 -4.21 18.33
N ARG B 45 12.26 -5.28 19.06
CA ARG B 45 12.06 -5.31 20.52
C ARG B 45 12.78 -4.17 21.22
N GLY B 46 14.04 -3.95 20.85
CA GLY B 46 14.86 -2.91 21.45
C GLY B 46 14.91 -1.62 20.65
N TRP B 47 14.06 -1.48 19.66
CA TRP B 47 14.09 -0.35 18.73
C TRP B 47 13.14 0.78 19.16
N LEU B 48 13.73 1.89 19.62
CA LEU B 48 13.03 3.07 20.11
C LEU B 48 12.01 2.70 21.17
N GLN B 49 12.49 2.04 22.21
CA GLN B 49 11.67 1.68 23.35
C GLN B 49 11.20 2.94 24.05
N ASP B 50 9.98 2.91 24.57
CA ASP B 50 9.42 4.02 25.34
C ASP B 50 9.65 3.85 26.84
N LYS B 51 9.92 2.61 27.27
CA LYS B 51 10.38 2.30 28.63
C LYS B 51 11.58 1.36 28.58
N PRO B 52 12.63 1.59 29.37
CA PRO B 52 13.78 0.67 29.38
C PRO B 52 13.39 -0.78 29.70
N ASN B 53 14.04 -1.73 29.04
CA ASN B 53 13.84 -3.14 29.29
C ASN B 53 12.39 -3.62 29.04
N VAL B 54 11.61 -2.84 28.27
CA VAL B 54 10.26 -3.23 27.90
C VAL B 54 10.21 -3.25 26.36
N ASP B 55 9.59 -4.28 25.78
CA ASP B 55 9.42 -4.36 24.34
C ASP B 55 8.76 -3.11 23.78
N SER B 56 9.33 -2.63 22.69
CA SER B 56 8.92 -1.38 22.09
C SER B 56 7.55 -1.51 21.46
N LEU B 57 6.94 -0.36 21.19
CA LEU B 57 5.69 -0.29 20.46
C LEU B 57 5.87 -0.77 19.01
N TYR B 58 7.09 -0.67 18.46
CA TYR B 58 7.38 -1.21 17.13
C TYR B 58 7.13 -2.69 17.17
N PHE B 59 7.68 -3.33 18.20
CA PHE B 59 7.49 -4.76 18.38
C PHE B 59 6.04 -5.12 18.68
N THR B 60 5.39 -4.46 19.64
CA THR B 60 4.07 -4.95 20.08
C THR B 60 3.00 -4.77 19.02
N MET B 61 3.11 -3.70 18.25
CA MET B 61 2.13 -3.38 17.23
C MET B 61 2.26 -4.23 15.97
N PHE B 62 3.36 -4.98 15.84
CA PHE B 62 3.56 -5.84 14.69
C PHE B 62 3.64 -7.32 15.05
N ASN B 63 3.48 -7.65 16.32
CA ASN B 63 3.65 -9.03 16.77
C ASN B 63 2.61 -9.55 17.76
N CYS B 64 1.43 -8.96 17.72
CA CYS B 64 0.27 -9.52 18.42
C CYS B 64 -0.11 -10.81 17.72
N ASN B 65 -0.83 -11.69 18.44
CA ASN B 65 -1.30 -12.98 17.94
C ASN B 65 -0.19 -13.89 17.46
N LYS B 66 0.92 -13.84 18.18
CA LYS B 66 2.06 -14.69 17.92
C LYS B 66 2.58 -15.25 19.23
N ARG B 67 3.20 -16.41 19.16
CA ARG B 67 3.99 -17.01 20.23
C ARG B 67 5.47 -16.92 19.87
N SER B 68 6.33 -16.87 20.87
CA SER B 68 7.76 -16.68 20.66
C SER B 68 8.61 -17.85 21.17
N ILE B 69 9.45 -18.39 20.28
CA ILE B 69 10.52 -19.30 20.66
C ILE B 69 11.85 -18.69 20.24
N GLU B 70 12.84 -18.78 21.13
CA GLU B 70 14.21 -18.43 20.79
C GLU B 70 14.89 -19.65 20.17
N LEU B 71 15.76 -19.41 19.20
CA LEU B 71 16.45 -20.48 18.50
C LEU B 71 17.73 -19.99 17.84
N ASP B 72 18.87 -20.60 18.20
CA ASP B 72 20.13 -20.39 17.49
C ASP B 72 20.15 -21.33 16.28
N MET B 73 19.83 -20.79 15.11
CA MET B 73 19.71 -21.61 13.90
C MET B 73 21.05 -21.96 13.25
N LYS B 74 22.13 -21.30 13.66
CA LYS B 74 23.47 -21.63 13.18
C LYS B 74 24.12 -22.74 14.03
N THR B 75 23.27 -23.61 14.58
CA THR B 75 23.72 -24.73 15.41
C THR B 75 23.10 -26.04 14.86
N PRO B 76 23.79 -27.18 15.01
CA PRO B 76 23.26 -28.44 14.44
C PRO B 76 21.88 -28.79 15.00
N GLU B 77 21.70 -28.60 16.30
CA GLU B 77 20.48 -28.98 17.03
C GLU B 77 19.32 -28.02 16.74
N GLY B 78 19.63 -26.78 16.39
CA GLY B 78 18.64 -25.81 15.99
C GLY B 78 18.09 -26.14 14.62
N LYS B 79 18.99 -26.48 13.69
CA LYS B 79 18.61 -26.94 12.35
C LYS B 79 17.71 -28.17 12.40
N GLU B 80 17.99 -29.08 13.33
CA GLU B 80 17.16 -30.27 13.52
C GLU B 80 15.77 -29.90 14.04
N LEU B 81 15.69 -28.93 14.93
CA LEU B 81 14.40 -28.47 15.43
C LEU B 81 13.58 -27.82 14.31
N LEU B 82 14.26 -27.09 13.43
CA LEU B 82 13.59 -26.43 12.32
C LEU B 82 12.99 -27.43 11.37
N GLU B 83 13.71 -28.52 11.12
CA GLU B 83 13.24 -29.59 10.25
C GLU B 83 11.91 -30.13 10.78
N GLN B 84 11.83 -30.29 12.10
CA GLN B 84 10.64 -30.81 12.75
C GLN B 84 9.47 -29.83 12.70
N MET B 85 9.76 -28.54 12.88
CA MET B 85 8.74 -27.50 12.79
C MET B 85 8.21 -27.36 11.37
N ILE B 86 9.09 -27.56 10.39
CA ILE B 86 8.71 -27.46 8.97
C ILE B 86 7.76 -28.60 8.60
N LYS B 87 7.94 -29.77 9.20
CA LYS B 87 7.09 -30.93 8.95
C LYS B 87 5.66 -30.70 9.48
N LYS B 88 5.49 -29.84 10.47
CA LYS B 88 4.19 -29.52 11.06
C LYS B 88 3.60 -28.19 10.57
N ALA B 89 4.35 -27.48 9.73
CA ALA B 89 3.95 -26.15 9.25
C ALA B 89 3.16 -26.23 7.94
N ASP B 90 2.25 -25.29 7.78
CA ASP B 90 1.58 -25.06 6.51
C ASP B 90 2.32 -24.01 5.69
N VAL B 91 2.82 -22.97 6.35
CA VAL B 91 3.61 -21.96 5.66
C VAL B 91 4.79 -21.49 6.52
N MET B 92 5.92 -21.32 5.84
CA MET B 92 7.09 -20.67 6.39
C MET B 92 7.18 -19.31 5.74
N VAL B 93 7.48 -18.31 6.55
CA VAL B 93 7.60 -16.92 6.09
C VAL B 93 8.91 -16.37 6.63
N GLU B 94 9.72 -15.78 5.77
CA GLU B 94 10.97 -15.17 6.16
C GLU B 94 11.23 -13.87 5.41
N ASN B 95 11.95 -12.97 6.05
CA ASN B 95 12.41 -11.76 5.38
C ASN B 95 13.79 -11.38 5.90
N PHE B 96 14.67 -12.38 5.91
CA PHE B 96 16.08 -12.14 6.10
C PHE B 96 16.66 -11.61 4.80
N GLY B 97 17.95 -11.29 4.80
CA GLY B 97 18.60 -10.75 3.63
C GLY B 97 18.73 -11.86 2.60
N PRO B 98 19.05 -11.48 1.36
CA PRO B 98 19.22 -12.43 0.26
C PRO B 98 20.15 -13.60 0.59
N GLY B 99 19.68 -14.83 0.37
CA GLY B 99 20.48 -16.04 0.59
C GLY B 99 20.65 -16.48 2.04
N ALA B 100 20.16 -15.72 3.00
CA ALA B 100 20.36 -16.04 4.42
C ALA B 100 19.81 -17.42 4.81
N LEU B 101 18.55 -17.67 4.46
CA LEU B 101 17.91 -18.95 4.78
C LEU B 101 18.55 -20.07 3.96
N ASP B 102 18.90 -19.76 2.72
CA ASP B 102 19.63 -20.69 1.85
C ASP B 102 20.92 -21.15 2.54
N ARG B 103 21.64 -20.21 3.15
CA ARG B 103 22.94 -20.46 3.78
C ARG B 103 22.84 -21.30 5.03
N MET B 104 21.67 -21.29 5.67
CA MET B 104 21.41 -22.19 6.79
C MET B 104 21.12 -23.63 6.31
N GLY B 105 21.10 -23.84 5.00
CA GLY B 105 20.82 -25.14 4.41
C GLY B 105 19.38 -25.32 3.98
N PHE B 106 18.52 -24.34 4.29
CA PHE B 106 17.09 -24.44 4.01
C PHE B 106 16.72 -23.73 2.73
N THR B 107 17.28 -24.21 1.64
CA THR B 107 16.85 -23.86 0.29
C THR B 107 15.42 -24.35 0.08
N TRP B 108 14.73 -23.74 -0.87
CA TRP B 108 13.40 -24.20 -1.26
C TRP B 108 13.43 -25.71 -1.58
N GLU B 109 14.44 -26.12 -2.32
CA GLU B 109 14.61 -27.50 -2.74
C GLU B 109 14.65 -28.47 -1.54
N TYR B 110 15.39 -28.13 -0.50
CA TYR B 110 15.42 -28.95 0.72
C TYR B 110 14.09 -28.89 1.51
N ILE B 111 13.48 -27.71 1.57
CA ILE B 111 12.23 -27.53 2.29
C ILE B 111 11.12 -28.43 1.72
N GLN B 112 11.09 -28.57 0.39
CA GLN B 112 10.12 -29.41 -0.33
C GLN B 112 10.23 -30.86 0.07
N GLU B 113 11.47 -31.33 0.14
CA GLU B 113 11.79 -32.69 0.56
C GLU B 113 11.28 -32.94 1.98
N LEU B 114 11.48 -31.98 2.88
CA LEU B 114 11.05 -32.09 4.28
C LEU B 114 9.53 -32.13 4.46
N ASN B 115 8.81 -31.37 3.62
CA ASN B 115 7.37 -31.28 3.71
C ASN B 115 6.83 -30.83 2.35
N PRO B 116 6.36 -31.77 1.55
CA PRO B 116 5.86 -31.43 0.22
C PRO B 116 4.60 -30.54 0.23
N ARG B 117 3.96 -30.38 1.39
CA ARG B 117 2.81 -29.48 1.54
C ARG B 117 3.12 -28.02 1.94
N VAL B 118 4.30 -27.75 2.46
CA VAL B 118 4.57 -26.42 3.01
C VAL B 118 4.79 -25.35 1.94
N ILE B 119 4.30 -24.15 2.24
CA ILE B 119 4.47 -22.99 1.38
C ILE B 119 5.62 -22.19 1.98
N LEU B 120 6.59 -21.82 1.16
CA LEU B 120 7.64 -20.91 1.58
C LEU B 120 7.30 -19.55 1.02
N ALA B 121 7.25 -18.54 1.89
CA ALA B 121 6.86 -17.19 1.53
C ALA B 121 7.98 -16.25 1.97
N SER B 122 8.41 -15.38 1.09
CA SER B 122 9.59 -14.60 1.35
C SER B 122 9.41 -13.14 0.84
N VAL B 123 9.87 -12.18 1.63
CA VAL B 123 9.98 -10.80 1.18
C VAL B 123 11.44 -10.49 0.95
N LYS B 124 11.77 -9.90 -0.19
CA LYS B 124 13.12 -9.39 -0.44
C LYS B 124 13.04 -7.95 -0.94
N GLY B 125 14.19 -7.30 -1.03
CA GLY B 125 14.25 -5.92 -1.50
C GLY B 125 13.95 -5.85 -2.99
N TYR B 126 14.56 -6.75 -3.73
CA TYR B 126 14.39 -6.87 -5.17
C TYR B 126 14.04 -8.34 -5.55
N ALA B 127 13.43 -8.51 -6.70
CA ALA B 127 13.02 -9.83 -7.18
C ALA B 127 14.22 -10.71 -7.54
N GLU B 128 14.04 -12.03 -7.43
CA GLU B 128 15.05 -12.97 -7.90
C GLU B 128 15.24 -12.80 -9.42
N GLY B 129 16.51 -12.66 -9.83
CA GLY B 129 16.87 -12.44 -11.23
C GLY B 129 17.21 -11.00 -11.51
N HIS B 130 16.80 -10.09 -10.63
CA HIS B 130 17.08 -8.66 -10.79
C HIS B 130 18.57 -8.37 -10.64
N ALA B 131 19.08 -7.35 -11.30
CA ALA B 131 20.50 -6.97 -11.13
C ALA B 131 20.87 -6.62 -9.67
N ASN B 132 19.90 -6.19 -8.86
CA ASN B 132 20.10 -5.74 -7.48
C ASN B 132 19.55 -6.74 -6.48
N GLU B 133 19.33 -7.94 -7.00
CA GLU B 133 18.83 -9.09 -6.28
C GLU B 133 19.45 -9.33 -4.89
N HIS B 134 20.72 -9.00 -4.75
CA HIS B 134 21.48 -9.34 -3.56
C HIS B 134 21.55 -8.21 -2.53
N LEU B 135 20.83 -7.11 -2.74
CA LEU B 135 20.92 -5.97 -1.85
C LEU B 135 19.89 -6.03 -0.72
N LYS B 136 20.33 -5.48 0.41
CA LYS B 136 19.54 -5.33 1.62
C LYS B 136 18.78 -4.01 1.57
N VAL B 137 17.52 -4.06 2.01
CA VAL B 137 16.58 -2.98 1.76
C VAL B 137 15.72 -2.75 2.97
N TYR B 138 15.64 -1.48 3.37
CA TYR B 138 14.64 -1.01 4.33
C TYR B 138 13.62 -0.15 3.57
N GLU B 139 12.46 -0.01 4.18
CA GLU B 139 11.37 0.88 3.79
C GLU B 139 11.60 1.90 2.65
N ASN B 140 12.29 2.99 2.94
CA ASN B 140 12.42 4.10 1.98
C ASN B 140 13.34 3.83 0.79
N VAL B 141 14.29 2.91 0.94
CA VAL B 141 15.08 2.46 -0.20
C VAL B 141 14.16 1.87 -1.27
N ALA B 142 13.15 1.11 -0.84
CA ALA B 142 12.18 0.50 -1.77
C ALA B 142 11.21 1.52 -2.31
N GLN B 143 10.82 2.50 -1.50
CA GLN B 143 10.03 3.61 -2.03
C GLN B 143 10.76 4.29 -3.18
N CYS B 144 12.08 4.41 -3.07
CA CYS B 144 12.86 5.06 -4.11
C CYS B 144 13.00 4.18 -5.35
N SER B 145 13.25 2.89 -5.16
CA SER B 145 13.46 1.98 -6.29
C SER B 145 12.19 1.73 -7.07
N GLY B 146 11.03 1.88 -6.42
CA GLY B 146 9.76 1.50 -7.01
C GLY B 146 8.99 2.63 -7.65
N GLY B 147 9.58 3.83 -7.69
CA GLY B 147 8.98 4.94 -8.40
C GLY B 147 8.17 5.93 -7.57
N ALA B 148 7.90 5.60 -6.31
CA ALA B 148 7.08 6.47 -5.47
C ALA B 148 7.75 7.79 -5.10
N ALA B 149 9.00 7.71 -4.66
CA ALA B 149 9.75 8.90 -4.29
C ALA B 149 9.87 9.91 -5.45
N ALA B 150 10.13 9.42 -6.66
CA ALA B 150 10.30 10.30 -7.82
C ALA B 150 9.03 11.10 -8.14
N THR B 151 7.88 10.54 -7.79
CA THR B 151 6.57 11.06 -8.15
C THR B 151 5.81 11.62 -6.95
N THR B 152 6.50 11.74 -5.82
CA THR B 152 5.87 12.24 -4.60
C THR B 152 6.61 13.50 -4.13
N GLY B 153 5.84 14.51 -3.72
CA GLY B 153 6.37 15.81 -3.37
C GLY B 153 6.06 16.86 -4.41
N PHE B 154 6.91 17.87 -4.49
CA PHE B 154 6.74 19.04 -5.35
C PHE B 154 7.84 19.15 -6.42
N TRP B 155 7.48 19.83 -7.50
CA TRP B 155 8.34 20.06 -8.68
C TRP B 155 9.62 20.83 -8.35
N ASP B 156 9.55 21.68 -7.32
CA ASP B 156 10.70 22.48 -6.86
C ASP B 156 11.31 21.97 -5.56
N GLY B 157 11.00 20.72 -5.18
CA GLY B 157 11.63 20.08 -4.04
C GLY B 157 12.16 18.71 -4.39
N PRO B 158 12.68 17.99 -3.40
CA PRO B 158 13.26 16.66 -3.62
C PRO B 158 12.24 15.56 -3.81
N PRO B 159 12.68 14.39 -4.29
CA PRO B 159 11.88 13.17 -4.20
C PRO B 159 11.51 12.98 -2.73
N THR B 160 10.29 12.54 -2.45
CA THR B 160 9.75 12.51 -1.10
C THR B 160 9.16 11.15 -0.77
N VAL B 161 9.49 10.66 0.41
CA VAL B 161 8.99 9.39 0.89
C VAL B 161 7.58 9.62 1.46
N SER B 162 6.75 8.59 1.35
CA SER B 162 5.46 8.59 2.02
C SER B 162 5.65 8.18 3.47
N GLY B 163 4.87 8.79 4.36
CA GLY B 163 4.80 8.36 5.74
C GLY B 163 4.23 6.95 5.83
N ALA B 164 3.36 6.60 4.89
CA ALA B 164 2.80 5.24 4.84
C ALA B 164 3.88 4.26 4.45
N ALA B 165 3.81 3.06 4.98
CA ALA B 165 4.86 2.08 4.78
C ALA B 165 4.67 1.35 3.44
N LEU B 166 4.91 2.09 2.36
CA LEU B 166 4.86 1.58 0.98
C LEU B 166 5.77 0.42 0.75
N GLY B 167 6.91 0.44 1.44
CA GLY B 167 7.94 -0.57 1.25
C GLY B 167 7.69 -1.78 2.12
N ALA B 168 7.42 -1.53 3.40
CA ALA B 168 7.44 -2.58 4.41
C ALA B 168 6.08 -3.25 4.57
N SER B 169 5.14 -2.59 5.23
CA SER B 169 3.85 -3.22 5.48
C SER B 169 3.13 -3.53 4.17
N ASN B 170 3.33 -2.69 3.16
CA ASN B 170 2.74 -2.92 1.86
C ASN B 170 3.22 -4.22 1.23
N SER B 171 4.52 -4.48 1.30
CA SER B 171 5.08 -5.74 0.87
C SER B 171 4.52 -6.92 1.64
N GLY B 172 4.29 -6.71 2.94
CA GLY B 172 3.77 -7.72 3.83
C GLY B 172 2.37 -8.13 3.47
N MET B 173 1.54 -7.14 3.17
CA MET B 173 0.19 -7.38 2.70
C MET B 173 0.15 -8.05 1.33
N HIS B 174 1.04 -7.65 0.43
CA HIS B 174 1.15 -8.33 -0.86
C HIS B 174 1.58 -9.79 -0.66
N LEU B 175 2.51 -10.03 0.25
CA LEU B 175 2.94 -11.41 0.50
C LEU B 175 1.76 -12.21 1.02
N MET B 176 0.92 -11.58 1.83
CA MET B 176 -0.26 -12.24 2.33
C MET B 176 -1.21 -12.70 1.21
N ILE B 177 -1.36 -11.89 0.18
CA ILE B 177 -2.11 -12.29 -1.02
C ILE B 177 -1.46 -13.52 -1.62
N GLY B 178 -0.14 -13.44 -1.80
CA GLY B 178 0.63 -14.53 -2.32
C GLY B 178 0.48 -15.85 -1.58
N ILE B 179 0.45 -15.78 -0.26
CA ILE B 179 0.36 -16.97 0.58
C ILE B 179 -1.05 -17.58 0.49
N LEU B 180 -2.07 -16.74 0.51
CA LEU B 180 -3.45 -17.21 0.42
C LEU B 180 -3.73 -17.78 -0.96
N ALA B 181 -3.12 -17.17 -1.99
CA ALA B 181 -3.21 -17.73 -3.33
C ALA B 181 -2.58 -19.12 -3.36
N ALA B 182 -1.46 -19.30 -2.66
CA ALA B 182 -0.74 -20.56 -2.64
C ALA B 182 -1.52 -21.63 -1.91
N LEU B 183 -2.29 -21.23 -0.89
CA LEU B 183 -3.12 -22.16 -0.15
C LEU B 183 -4.27 -22.66 -1.01
N GLU B 184 -4.74 -21.79 -1.90
CA GLU B 184 -5.78 -22.14 -2.86
C GLU B 184 -5.20 -23.09 -3.92
N ILE B 185 -3.98 -22.82 -4.41
CA ILE B 185 -3.30 -23.76 -5.31
C ILE B 185 -3.26 -25.15 -4.65
N ARG B 186 -2.93 -25.19 -3.36
CA ARG B 186 -2.67 -26.44 -2.65
C ARG B 186 -3.92 -27.32 -2.51
N HIS B 187 -5.09 -26.71 -2.34
CA HIS B 187 -6.33 -27.46 -2.35
C HIS B 187 -6.45 -28.31 -3.62
N LYS B 188 -6.02 -27.73 -4.74
CA LYS B 188 -6.01 -28.44 -6.04
C LYS B 188 -4.92 -29.51 -6.15
N THR B 189 -3.65 -29.13 -5.97
CA THR B 189 -2.50 -29.99 -6.27
C THR B 189 -2.00 -30.87 -5.11
N GLY B 190 -2.47 -30.63 -3.89
CA GLY B 190 -1.90 -31.23 -2.68
C GLY B 190 -0.47 -30.80 -2.37
N ARG B 191 0.01 -29.73 -3.01
CA ARG B 191 1.43 -29.35 -2.93
C ARG B 191 1.63 -27.87 -2.59
N GLY B 192 2.76 -27.58 -1.94
CA GLY B 192 3.14 -26.23 -1.58
C GLY B 192 3.96 -25.59 -2.68
N GLN B 193 4.00 -24.27 -2.67
CA GLN B 193 4.83 -23.51 -3.60
C GLN B 193 5.69 -22.50 -2.83
N LYS B 194 6.69 -21.96 -3.52
CA LYS B 194 7.39 -20.77 -3.06
C LYS B 194 6.66 -19.55 -3.64
N VAL B 195 6.42 -18.55 -2.79
CA VAL B 195 5.93 -17.23 -3.18
C VAL B 195 6.90 -16.19 -2.68
N ALA B 196 7.19 -15.20 -3.50
CA ALA B 196 8.06 -14.11 -3.10
C ALA B 196 7.45 -12.79 -3.56
N VAL B 197 7.64 -11.78 -2.73
CA VAL B 197 7.29 -10.41 -3.06
C VAL B 197 8.53 -9.56 -2.83
N ALA B 198 8.94 -8.86 -3.87
CA ALA B 198 10.00 -7.90 -3.80
C ALA B 198 9.40 -6.57 -3.36
N MET B 199 10.10 -5.87 -2.48
CA MET B 199 9.63 -4.58 -1.98
C MET B 199 9.50 -3.57 -3.12
N GLN B 200 10.47 -3.58 -4.05
CA GLN B 200 10.38 -2.74 -5.21
C GLN B 200 9.05 -2.98 -5.94
N ASP B 201 8.69 -4.26 -6.10
CA ASP B 201 7.52 -4.62 -6.89
C ASP B 201 6.22 -4.25 -6.21
N ALA B 202 6.18 -4.36 -4.88
CA ALA B 202 4.97 -4.01 -4.15
C ALA B 202 4.74 -2.49 -4.23
N VAL B 203 5.81 -1.72 -4.14
CA VAL B 203 5.74 -0.28 -4.37
C VAL B 203 5.28 0.04 -5.80
N LEU B 204 5.92 -0.57 -6.79
CA LEU B 204 5.57 -0.34 -8.20
C LEU B 204 4.09 -0.61 -8.51
N ASN B 205 3.53 -1.65 -7.89
CA ASN B 205 2.12 -1.99 -8.08
C ASN B 205 1.21 -0.85 -7.63
N LEU B 206 1.56 -0.17 -6.53
CA LEU B 206 0.78 0.98 -6.08
C LEU B 206 1.09 2.23 -6.93
N VAL B 207 2.23 2.23 -7.60
CA VAL B 207 2.64 3.30 -8.50
C VAL B 207 2.23 3.04 -9.97
N ARG B 208 1.35 2.07 -10.18
CA ARG B 208 0.83 1.75 -11.52
C ARG B 208 0.28 2.98 -12.27
N ILE B 209 -0.43 3.86 -11.59
CA ILE B 209 -0.95 5.05 -12.24
C ILE B 209 0.15 5.96 -12.79
N LYS B 210 1.34 5.92 -12.19
CA LYS B 210 2.43 6.76 -12.67
C LYS B 210 3.15 6.16 -13.88
N LEU B 211 3.07 4.84 -14.03
CA LEU B 211 3.50 4.16 -15.25
C LEU B 211 2.51 4.40 -16.39
N ARG B 212 1.22 4.53 -16.06
CA ARG B 212 0.23 5.08 -16.97
C ARG B 212 0.69 6.45 -17.48
N ASP B 213 1.04 7.31 -16.53
CA ASP B 213 1.48 8.67 -16.84
C ASP B 213 2.75 8.68 -17.67
N GLN B 214 3.68 7.77 -17.40
CA GLN B 214 4.93 7.77 -18.13
C GLN B 214 4.68 7.48 -19.61
N GLN B 215 3.75 6.57 -19.88
CA GLN B 215 3.41 6.24 -21.25
C GLN B 215 2.63 7.35 -21.92
N ARG B 216 1.74 8.03 -21.18
CA ARG B 216 0.97 9.14 -21.75
C ARG B 216 1.93 10.23 -22.17
N LEU B 217 2.92 10.46 -21.32
CA LEU B 217 3.95 11.46 -21.54
C LEU B 217 4.83 11.12 -22.74
N GLU B 218 5.25 9.85 -22.86
CA GLU B 218 6.05 9.41 -24.01
C GLU B 218 5.26 9.59 -25.33
N ARG B 219 3.96 9.31 -25.28
CA ARG B 219 3.13 9.32 -26.48
C ARG B 219 2.69 10.72 -26.93
N THR B 220 2.54 11.66 -25.99
CA THR B 220 1.91 12.96 -26.28
C THR B 220 2.70 14.20 -25.88
N GLY B 221 3.75 14.02 -25.10
CA GLY B 221 4.56 15.13 -24.61
C GLY B 221 3.90 15.97 -23.53
N ILE B 222 2.78 15.53 -22.97
CA ILE B 222 2.06 16.34 -21.99
C ILE B 222 1.17 15.53 -21.04
N LEU B 223 1.05 16.02 -19.81
CA LEU B 223 0.08 15.51 -18.83
C LEU B 223 -0.78 16.70 -18.39
N ALA B 224 -1.97 16.82 -18.99
CA ALA B 224 -2.78 18.04 -18.93
C ALA B 224 -3.37 18.33 -17.54
N GLU B 225 -3.50 17.30 -16.71
CA GLU B 225 -4.01 17.44 -15.35
C GLU B 225 -2.94 17.83 -14.32
N TYR B 226 -1.68 17.80 -14.71
CA TYR B 226 -0.57 18.12 -13.83
C TYR B 226 -0.37 19.63 -13.77
N PRO B 227 0.05 20.16 -12.62
CA PRO B 227 0.26 21.61 -12.46
C PRO B 227 1.15 22.24 -13.51
N GLN B 228 2.18 21.52 -13.93
CA GLN B 228 3.14 22.00 -14.93
C GLN B 228 2.50 22.34 -16.30
N ALA B 229 1.33 21.76 -16.58
CA ALA B 229 0.59 22.04 -17.82
C ALA B 229 -0.30 23.29 -17.75
N GLN B 230 -0.48 23.87 -16.57
CA GLN B 230 -1.08 25.19 -16.45
C GLN B 230 -0.02 26.25 -16.72
N PRO B 231 -0.22 27.08 -17.75
CA PRO B 231 0.75 28.15 -18.07
C PRO B 231 1.04 29.10 -16.90
N ASN B 232 2.32 29.27 -16.60
CA ASN B 232 2.81 30.23 -15.60
C ASN B 232 2.21 30.07 -14.19
N PHE B 233 1.99 28.82 -13.79
CA PHE B 233 1.64 28.50 -12.40
C PHE B 233 2.85 27.93 -11.64
N ALA B 234 3.51 26.95 -12.24
CA ALA B 234 4.64 26.28 -11.61
C ALA B 234 5.96 26.91 -12.06
N PHE B 235 6.93 26.94 -11.15
CA PHE B 235 8.24 27.52 -11.39
C PHE B 235 9.34 26.66 -10.75
N ASP B 236 10.49 26.59 -11.41
CA ASP B 236 11.63 25.81 -10.88
C ASP B 236 12.31 26.61 -9.74
N ARG B 237 13.37 26.02 -9.16
CA ARG B 237 14.15 26.65 -8.10
C ARG B 237 14.58 28.07 -8.44
N ASP B 238 14.88 28.26 -9.75
CA ASP B 238 15.27 29.56 -10.35
C ASP B 238 13.99 30.25 -10.91
N GLY B 239 13.28 31.07 -10.14
CA GLY B 239 12.11 31.73 -10.71
C GLY B 239 12.17 31.64 -12.23
N ASN B 240 11.52 30.63 -12.85
CA ASN B 240 11.50 30.42 -14.33
C ASN B 240 10.34 29.46 -14.67
N PRO B 241 9.58 29.75 -15.77
CA PRO B 241 8.39 28.96 -16.08
C PRO B 241 8.56 27.46 -16.11
N LEU B 242 7.63 26.68 -15.61
CA LEU B 242 7.75 25.25 -15.90
C LEU B 242 6.66 24.81 -16.86
N SER B 243 7.04 23.93 -17.78
CA SER B 243 6.08 23.30 -18.70
C SER B 243 6.57 21.89 -19.03
N PHE B 244 5.77 21.15 -19.81
CA PHE B 244 6.15 19.79 -20.20
C PHE B 244 7.12 19.75 -21.38
N ASP B 245 7.47 20.91 -21.93
CA ASP B 245 8.37 21.00 -23.09
C ASP B 245 9.59 20.13 -22.90
N ASN B 246 10.24 20.26 -21.74
CA ASN B 246 11.47 19.51 -21.46
C ASN B 246 11.34 18.48 -20.32
N ILE B 247 10.14 17.97 -20.10
CA ILE B 247 9.90 16.91 -19.12
C ILE B 247 9.65 15.59 -19.86
N THR B 248 10.55 14.63 -19.65
CA THR B 248 10.46 13.30 -20.27
C THR B 248 10.16 12.15 -19.29
N SER B 249 10.20 12.43 -18.00
CA SER B 249 9.81 11.44 -16.98
C SER B 249 8.80 12.06 -16.03
N VAL B 250 7.81 11.26 -15.61
CA VAL B 250 6.70 11.75 -14.81
C VAL B 250 7.22 12.60 -13.65
N PRO B 251 6.80 13.86 -13.55
CA PRO B 251 7.27 14.72 -12.48
C PRO B 251 6.41 14.65 -11.21
N ARG B 252 6.91 15.30 -10.18
CA ARG B 252 6.18 15.52 -8.95
C ARG B 252 5.14 16.60 -9.19
N GLY B 253 3.93 16.37 -8.70
CA GLY B 253 2.80 17.26 -8.95
C GLY B 253 2.19 17.86 -7.70
N GLY B 254 2.99 17.99 -6.64
CA GLY B 254 2.50 18.45 -5.36
C GLY B 254 1.25 17.71 -4.92
N ASN B 255 0.19 18.45 -4.67
CA ASN B 255 -1.05 17.88 -4.16
C ASN B 255 -2.13 17.70 -5.23
N ALA B 256 -1.71 17.49 -6.47
CA ALA B 256 -2.61 17.13 -7.57
C ALA B 256 -3.23 15.75 -7.35
N GLY B 257 -4.29 15.47 -8.11
CA GLY B 257 -5.19 14.33 -7.89
C GLY B 257 -4.67 12.92 -8.03
N GLY B 258 -3.59 12.73 -8.78
CA GLY B 258 -3.08 11.39 -9.01
C GLY B 258 -4.13 10.58 -9.78
N GLY B 259 -4.53 9.42 -9.22
CA GLY B 259 -5.49 8.51 -9.83
C GLY B 259 -6.95 8.78 -9.45
N GLY B 260 -7.15 9.67 -8.49
CA GLY B 260 -8.45 10.30 -8.32
C GLY B 260 -8.65 11.41 -9.35
N GLN B 261 -9.90 11.89 -9.42
CA GLN B 261 -10.24 13.06 -10.24
C GLN B 261 -9.46 14.27 -9.71
N PRO B 262 -9.28 15.32 -10.53
CA PRO B 262 -8.51 16.50 -10.13
C PRO B 262 -8.85 17.02 -8.73
N GLY B 263 -7.83 17.35 -7.94
CA GLY B 263 -8.02 17.92 -6.61
C GLY B 263 -6.85 18.78 -6.11
N TRP B 264 -7.00 19.30 -4.89
CA TRP B 264 -5.89 19.99 -4.23
C TRP B 264 -6.06 20.00 -2.71
N MET B 265 -4.97 20.35 -2.02
CA MET B 265 -4.92 20.40 -0.56
C MET B 265 -5.16 21.84 -0.13
N LEU B 266 -6.29 22.09 0.53
CA LEU B 266 -6.74 23.45 0.82
C LEU B 266 -6.70 23.79 2.30
N LYS B 267 -6.13 24.95 2.61
CA LYS B 267 -6.02 25.44 3.98
C LYS B 267 -7.41 25.64 4.57
N CYS B 268 -7.55 25.34 5.87
CA CYS B 268 -8.74 25.66 6.64
C CYS B 268 -8.32 26.52 7.83
N LYS B 269 -9.29 26.99 8.62
CA LYS B 269 -9.02 27.85 9.78
C LYS B 269 -8.00 27.20 10.72
N GLY B 270 -6.96 27.94 11.07
CA GLY B 270 -5.96 27.50 12.04
C GLY B 270 -4.69 26.92 11.44
N TRP B 271 -4.47 27.14 10.15
CA TRP B 271 -3.39 26.46 9.42
C TRP B 271 -1.97 26.88 9.80
N GLU B 272 -1.79 28.09 10.33
CA GLU B 272 -0.45 28.54 10.75
C GLU B 272 -0.03 27.87 12.05
N THR B 273 -0.98 27.66 12.96
CA THR B 273 -0.68 27.01 14.24
C THR B 273 -0.88 25.48 14.24
N ASP B 274 -1.61 24.96 13.26
CA ASP B 274 -1.96 23.53 13.23
C ASP B 274 -1.61 22.92 11.87
N ALA B 275 -0.59 22.06 11.87
CA ALA B 275 0.00 21.51 10.66
C ALA B 275 -0.98 20.70 9.82
N ASP B 276 -2.04 20.20 10.43
CA ASP B 276 -3.01 19.35 9.78
C ASP B 276 -4.40 19.99 9.55
N SER B 277 -4.48 21.33 9.60
CA SER B 277 -5.76 22.02 9.34
C SER B 277 -5.96 22.29 7.86
N TYR B 278 -6.34 21.23 7.16
CA TYR B 278 -6.51 21.21 5.72
C TYR B 278 -7.62 20.23 5.35
N VAL B 279 -8.23 20.43 4.20
CA VAL B 279 -9.05 19.41 3.55
C VAL B 279 -8.46 19.13 2.19
N TYR B 280 -8.72 17.94 1.66
CA TYR B 280 -8.53 17.67 0.25
C TYR B 280 -9.88 17.85 -0.41
N PHE B 281 -9.89 18.49 -1.57
CA PHE B 281 -11.13 18.80 -2.27
C PHE B 281 -11.03 18.34 -3.73
N THR B 282 -11.96 17.46 -4.13
CA THR B 282 -11.95 16.85 -5.47
C THR B 282 -12.94 17.56 -6.39
N ILE B 283 -12.44 18.05 -7.51
CA ILE B 283 -13.30 18.53 -8.61
C ILE B 283 -13.47 17.39 -9.62
N ALA B 284 -14.44 16.53 -9.35
CA ALA B 284 -14.80 15.45 -10.26
C ALA B 284 -15.67 16.04 -11.39
N ALA B 285 -15.34 15.67 -12.64
CA ALA B 285 -16.08 16.12 -13.82
C ALA B 285 -17.59 15.80 -13.68
N ASN B 286 -17.87 14.57 -13.28
CA ASN B 286 -19.19 14.08 -12.83
C ASN B 286 -20.08 15.09 -12.08
N MET B 287 -19.47 15.90 -11.23
CA MET B 287 -20.20 16.69 -10.23
C MET B 287 -19.93 18.19 -10.29
N TRP B 288 -19.68 18.73 -11.48
CA TRP B 288 -19.37 20.15 -11.62
C TRP B 288 -20.52 21.10 -11.25
N PRO B 289 -21.78 20.75 -11.59
CA PRO B 289 -22.94 21.54 -11.15
C PRO B 289 -23.17 21.55 -9.64
N GLN B 290 -22.97 20.40 -8.99
CA GLN B 290 -23.07 20.30 -7.54
C GLN B 290 -22.03 21.18 -6.84
N ILE B 291 -20.88 21.38 -7.50
CA ILE B 291 -19.79 22.22 -6.96
C ILE B 291 -20.11 23.71 -7.08
N CYS B 292 -20.66 24.13 -8.23
CA CYS B 292 -20.96 25.53 -8.47
C CYS B 292 -21.99 26.11 -7.48
N ASP B 293 -22.86 25.26 -6.95
CA ASP B 293 -23.85 25.67 -5.96
C ASP B 293 -23.22 26.00 -4.59
N MET B 294 -22.24 25.19 -4.18
CA MET B 294 -21.56 25.37 -2.89
C MET B 294 -20.56 26.55 -2.93
N ILE B 295 -19.99 26.83 -4.11
CA ILE B 295 -19.06 27.94 -4.29
C ILE B 295 -19.76 29.29 -4.27
N ASP B 296 -21.09 29.26 -4.39
CA ASP B 296 -21.92 30.46 -4.47
C ASP B 296 -21.73 31.15 -5.84
N LYS B 297 -21.21 30.40 -6.81
CA LYS B 297 -20.95 30.91 -8.17
C LYS B 297 -21.64 30.02 -9.23
N PRO B 298 -22.90 30.34 -9.56
CA PRO B 298 -23.64 29.62 -10.60
C PRO B 298 -23.39 30.11 -12.04
N GLU B 299 -22.56 31.14 -12.21
CA GLU B 299 -22.20 31.66 -13.53
C GLU B 299 -21.35 30.66 -14.32
N TRP B 300 -20.62 29.81 -13.60
CA TRP B 300 -19.70 28.85 -14.19
C TRP B 300 -20.37 27.59 -14.77
N LYS B 301 -21.66 27.38 -14.47
CA LYS B 301 -22.41 26.24 -15.02
C LYS B 301 -22.42 26.19 -16.55
N ASP B 302 -22.64 27.34 -17.18
CA ASP B 302 -22.81 27.43 -18.63
C ASP B 302 -21.54 27.85 -19.38
N ASP B 303 -20.66 28.60 -18.71
CA ASP B 303 -19.38 29.00 -19.29
C ASP B 303 -18.61 27.73 -19.70
N PRO B 304 -18.30 27.56 -20.99
CA PRO B 304 -17.57 26.37 -21.46
C PRO B 304 -16.06 26.40 -21.17
N ALA B 305 -15.55 27.55 -20.72
CA ALA B 305 -14.18 27.67 -20.22
C ALA B 305 -14.07 27.17 -18.77
N TYR B 306 -15.22 26.96 -18.12
CA TYR B 306 -15.28 26.54 -16.72
C TYR B 306 -15.97 25.17 -16.49
N ASN B 307 -16.72 24.65 -17.46
CA ASN B 307 -17.59 23.49 -17.21
C ASN B 307 -17.19 22.15 -17.87
N THR B 308 -16.04 22.12 -18.54
CA THR B 308 -15.42 20.87 -19.00
C THR B 308 -14.05 20.71 -18.34
N PHE B 309 -13.54 19.47 -18.31
CA PHE B 309 -12.18 19.25 -17.84
C PHE B 309 -11.16 19.97 -18.74
N GLU B 310 -11.40 19.93 -20.05
CA GLU B 310 -10.50 20.55 -21.04
C GLU B 310 -10.47 22.08 -20.96
N GLY B 311 -11.59 22.69 -20.57
CA GLY B 311 -11.66 24.14 -20.37
C GLY B 311 -10.98 24.62 -19.10
N ARG B 312 -10.88 23.73 -18.11
CA ARG B 312 -10.40 24.06 -16.76
C ARG B 312 -8.88 23.99 -16.53
N VAL B 313 -8.12 23.35 -17.44
CA VAL B 313 -6.69 23.09 -17.22
C VAL B 313 -5.80 24.34 -17.18
N ASP B 314 -6.18 25.37 -17.95
CA ASP B 314 -5.41 26.61 -18.05
C ASP B 314 -5.58 27.54 -16.84
N LYS B 315 -6.43 27.14 -15.89
CA LYS B 315 -6.61 27.87 -14.63
C LYS B 315 -7.19 27.01 -13.48
N LEU B 316 -6.80 25.73 -13.43
CA LEU B 316 -7.23 24.81 -12.37
C LEU B 316 -6.88 25.36 -10.98
N MET B 317 -5.68 25.90 -10.86
CA MET B 317 -5.16 26.40 -9.59
C MET B 317 -5.81 27.72 -9.16
N ASP B 318 -6.32 28.50 -10.12
CA ASP B 318 -7.06 29.71 -9.80
C ASP B 318 -8.38 29.37 -9.13
N ILE B 319 -9.04 28.32 -9.62
CA ILE B 319 -10.28 27.81 -9.04
C ILE B 319 -10.05 27.25 -7.63
N PHE B 320 -8.92 26.58 -7.43
CA PHE B 320 -8.59 26.03 -6.11
C PHE B 320 -8.29 27.15 -5.11
N SER B 321 -7.66 28.22 -5.58
CA SER B 321 -7.44 29.39 -4.72
C SER B 321 -8.77 30.02 -4.30
N PHE B 322 -9.74 30.03 -5.21
CA PHE B 322 -11.05 30.60 -4.90
C PHE B 322 -11.82 29.74 -3.92
N ILE B 323 -11.90 28.43 -4.19
CA ILE B 323 -12.57 27.48 -3.30
C ILE B 323 -11.95 27.56 -1.90
N GLU B 324 -10.65 27.84 -1.84
CA GLU B 324 -9.88 27.91 -0.59
C GLU B 324 -10.28 29.12 0.28
N THR B 325 -10.58 30.24 -0.35
CA THR B 325 -10.96 31.44 0.42
C THR B 325 -12.32 31.25 1.12
N LYS B 326 -13.18 30.38 0.59
CA LYS B 326 -14.46 30.03 1.22
C LYS B 326 -14.32 29.14 2.47
N PHE B 327 -13.13 28.53 2.65
CA PHE B 327 -12.82 27.70 3.82
C PHE B 327 -12.03 28.44 4.90
N ALA B 328 -11.67 29.70 4.66
CA ALA B 328 -10.75 30.45 5.54
C ALA B 328 -11.23 30.63 6.98
N ASP B 329 -12.55 30.57 7.21
CA ASP B 329 -13.08 30.65 8.57
C ASP B 329 -14.02 29.48 8.96
N LYS B 330 -13.70 28.29 8.44
CA LYS B 330 -14.34 27.04 8.85
C LYS B 330 -13.24 26.00 9.06
N ASP B 331 -13.26 25.26 10.17
CA ASP B 331 -12.29 24.20 10.38
C ASP B 331 -12.56 22.99 9.48
N LYS B 332 -11.59 22.07 9.45
CA LYS B 332 -11.62 20.84 8.66
C LYS B 332 -12.98 20.21 8.54
N PHE B 333 -13.57 19.96 9.71
CA PHE B 333 -14.75 19.12 9.84
C PHE B 333 -15.99 19.86 9.40
N GLU B 334 -16.03 21.17 9.64
CA GLU B 334 -17.13 21.99 9.17
C GLU B 334 -17.17 21.95 7.65
N VAL B 335 -16.00 22.14 7.02
CA VAL B 335 -15.88 22.10 5.58
C VAL B 335 -16.31 20.72 5.03
N THR B 336 -15.93 19.65 5.71
CA THR B 336 -16.28 18.29 5.28
C THR B 336 -17.78 18.02 5.34
N GLU B 337 -18.45 18.52 6.38
CA GLU B 337 -19.91 18.35 6.53
C GLU B 337 -20.65 19.19 5.48
N TRP B 338 -20.13 20.38 5.22
CA TRP B 338 -20.62 21.25 4.16
C TRP B 338 -20.57 20.53 2.79
N ALA B 339 -19.43 19.92 2.49
CA ALA B 339 -19.22 19.24 1.21
C ALA B 339 -20.06 17.96 1.07
N ALA B 340 -20.34 17.30 2.20
CA ALA B 340 -21.12 16.06 2.20
C ALA B 340 -22.57 16.28 1.75
N GLN B 341 -23.09 17.49 1.99
CA GLN B 341 -24.44 17.88 1.55
C GLN B 341 -24.60 17.71 0.03
N TYR B 342 -23.57 18.08 -0.72
CA TYR B 342 -23.57 18.04 -2.19
C TYR B 342 -22.96 16.77 -2.80
N GLY B 343 -22.49 15.85 -1.96
CA GLY B 343 -21.90 14.59 -2.42
C GLY B 343 -20.53 14.74 -3.05
N ILE B 344 -19.80 15.78 -2.66
CA ILE B 344 -18.45 16.06 -3.19
C ILE B 344 -17.40 15.31 -2.36
N PRO B 345 -16.54 14.52 -3.01
CA PRO B 345 -15.40 13.90 -2.32
C PRO B 345 -14.48 15.00 -1.76
N CYS B 346 -14.58 15.14 -0.44
CA CYS B 346 -13.87 16.18 0.29
C CYS B 346 -13.81 15.71 1.74
N GLY B 347 -12.60 15.73 2.29
CA GLY B 347 -12.39 15.25 3.62
C GLY B 347 -11.21 15.91 4.28
N PRO B 348 -11.14 15.74 5.59
CA PRO B 348 -10.12 16.41 6.40
C PRO B 348 -8.80 15.66 6.35
N VAL B 349 -7.70 16.38 6.48
CA VAL B 349 -6.43 15.77 6.81
C VAL B 349 -6.55 15.38 8.28
N MET B 350 -6.66 14.08 8.53
CA MET B 350 -6.73 13.56 9.89
C MET B 350 -5.31 13.42 10.46
N SER B 351 -5.08 14.06 11.61
CA SER B 351 -3.82 13.95 12.32
C SER B 351 -3.75 12.60 13.05
N MET B 352 -2.53 12.13 13.35
CA MET B 352 -2.38 10.88 14.10
C MET B 352 -3.02 10.92 15.49
N LYS B 353 -3.05 12.10 16.08
CA LYS B 353 -3.66 12.35 17.36
C LYS B 353 -5.18 12.13 17.28
N GLU B 354 -5.80 12.70 16.24
CA GLU B 354 -7.23 12.52 16.00
C GLU B 354 -7.57 11.07 15.67
N LEU B 355 -6.69 10.38 14.94
CA LEU B 355 -6.97 9.00 14.51
C LEU B 355 -6.81 8.02 15.67
N ALA B 356 -5.79 8.26 16.49
CA ALA B 356 -5.50 7.40 17.62
C ALA B 356 -6.64 7.34 18.62
N HIS B 357 -7.45 8.39 18.69
CA HIS B 357 -8.52 8.49 19.69
C HIS B 357 -9.91 8.73 19.10
N ASP B 358 -10.05 8.52 17.80
CA ASP B 358 -11.32 8.67 17.11
C ASP B 358 -12.31 7.57 17.54
N PRO B 359 -13.47 7.96 18.08
CA PRO B 359 -14.47 6.97 18.49
C PRO B 359 -14.92 6.03 17.35
N SER B 360 -15.09 6.51 16.13
CA SER B 360 -15.57 5.65 15.02
C SER B 360 -14.62 4.49 14.71
N LEU B 361 -13.32 4.76 14.65
CA LEU B 361 -12.33 3.75 14.30
C LEU B 361 -12.22 2.69 15.37
N GLN B 362 -12.46 3.08 16.63
CA GLN B 362 -12.46 2.12 17.73
C GLN B 362 -13.74 1.28 17.70
N LYS B 363 -14.86 1.91 17.32
CA LYS B 363 -16.16 1.21 17.21
C LYS B 363 -16.12 0.12 16.14
N VAL B 364 -15.47 0.42 15.01
CA VAL B 364 -15.45 -0.53 13.91
C VAL B 364 -14.28 -1.53 13.97
N GLY B 365 -13.48 -1.47 15.04
CA GLY B 365 -12.39 -2.43 15.24
C GLY B 365 -11.14 -2.15 14.41
N THR B 366 -11.01 -0.94 13.90
CA THR B 366 -9.87 -0.59 13.06
C THR B 366 -8.71 -0.03 13.88
N VAL B 367 -9.01 0.73 14.92
CA VAL B 367 -8.04 1.03 15.97
C VAL B 367 -8.49 0.24 17.19
N VAL B 368 -7.58 -0.58 17.73
CA VAL B 368 -7.93 -1.49 18.80
C VAL B 368 -7.02 -1.30 20.00
N GLU B 369 -7.63 -1.19 21.19
CA GLU B 369 -6.90 -1.28 22.44
C GLU B 369 -6.62 -2.74 22.78
N VAL B 370 -5.33 -3.07 22.83
CA VAL B 370 -4.85 -4.38 23.21
C VAL B 370 -4.69 -4.44 24.74
N VAL B 371 -5.32 -5.44 25.34
CA VAL B 371 -5.20 -5.69 26.76
C VAL B 371 -3.88 -6.41 26.96
N ASP B 372 -2.90 -5.70 27.51
CA ASP B 372 -1.59 -6.25 27.74
C ASP B 372 -1.29 -6.05 29.23
N GLU B 373 -1.42 -7.13 29.98
CA GLU B 373 -1.30 -7.12 31.44
C GLU B 373 0.15 -7.10 31.91
N ILE B 374 1.10 -7.41 31.00
CA ILE B 374 2.53 -7.33 31.32
C ILE B 374 3.05 -5.91 31.17
N ARG B 375 2.72 -5.28 30.04
CA ARG B 375 3.34 -4.04 29.61
C ARG B 375 2.43 -2.83 29.81
N GLY B 376 1.15 -3.06 30.08
CA GLY B 376 0.15 -2.01 30.03
C GLY B 376 -0.47 -2.01 28.64
N ASN B 377 -1.71 -1.57 28.54
CA ASN B 377 -2.43 -1.58 27.29
C ASN B 377 -1.75 -0.64 26.28
N HIS B 378 -1.92 -0.96 25.01
CA HIS B 378 -1.51 -0.07 23.93
C HIS B 378 -2.54 -0.14 22.82
N LEU B 379 -2.48 0.82 21.93
CA LEU B 379 -3.29 0.80 20.70
C LEU B 379 -2.59 0.10 19.56
N THR B 380 -3.37 -0.35 18.60
CA THR B 380 -2.84 -0.92 17.38
C THR B 380 -3.87 -0.78 16.27
N VAL B 381 -3.44 -1.04 15.04
CA VAL B 381 -4.39 -1.13 13.94
C VAL B 381 -4.87 -2.58 13.88
N GLY B 382 -6.18 -2.75 13.80
CA GLY B 382 -6.79 -4.06 13.70
C GLY B 382 -6.84 -4.54 12.27
N ALA B 383 -7.75 -5.46 11.99
CA ALA B 383 -7.93 -5.99 10.65
C ALA B 383 -8.69 -4.98 9.81
N PRO B 384 -8.10 -4.54 8.69
CA PRO B 384 -8.76 -3.56 7.81
C PRO B 384 -9.80 -4.16 6.86
N PHE B 385 -10.02 -5.47 6.95
CA PHE B 385 -11.11 -6.13 6.22
C PHE B 385 -12.11 -6.60 7.26
N LYS B 386 -13.36 -6.20 7.05
CA LYS B 386 -14.46 -6.51 7.95
C LYS B 386 -15.36 -7.57 7.31
N PHE B 387 -15.59 -8.66 8.04
CA PHE B 387 -16.32 -9.85 7.56
C PHE B 387 -17.66 -10.03 8.26
N SER B 388 -18.66 -10.51 7.53
CA SER B 388 -20.00 -10.73 8.09
C SER B 388 -20.04 -11.77 9.20
N GLY B 389 -19.22 -12.82 9.12
CA GLY B 389 -19.30 -13.93 10.05
C GLY B 389 -18.07 -14.18 10.89
N PHE B 390 -17.29 -13.14 11.13
CA PHE B 390 -16.04 -13.33 11.85
C PHE B 390 -15.51 -12.01 12.41
N GLN B 391 -15.09 -12.04 13.68
CA GLN B 391 -14.45 -10.92 14.36
C GLN B 391 -13.08 -11.35 14.87
N PRO B 392 -12.02 -10.59 14.56
CA PRO B 392 -10.70 -10.89 15.11
C PRO B 392 -10.63 -10.68 16.62
N GLU B 393 -9.83 -11.51 17.29
CA GLU B 393 -9.54 -11.34 18.70
C GLU B 393 -8.05 -11.15 18.84
N ILE B 394 -7.67 -9.90 19.01
CA ILE B 394 -6.27 -9.50 19.09
C ILE B 394 -5.76 -9.71 20.51
N THR B 395 -4.66 -10.45 20.64
CA THR B 395 -4.04 -10.73 21.94
C THR B 395 -2.59 -10.22 21.95
N ARG B 396 -2.09 -9.93 23.14
CA ARG B 396 -0.83 -9.19 23.29
C ARG B 396 0.40 -9.91 22.70
N ALA B 397 1.39 -9.12 22.35
CA ALA B 397 2.65 -9.63 21.81
C ALA B 397 3.44 -10.46 22.83
N PRO B 398 4.11 -11.51 22.38
CA PRO B 398 4.83 -12.41 23.31
C PRO B 398 6.14 -11.82 23.82
N LEU B 399 6.48 -12.15 25.06
CA LEU B 399 7.82 -11.92 25.61
C LEU B 399 8.81 -12.83 24.89
N LEU B 400 10.07 -12.43 24.86
CA LEU B 400 11.09 -13.18 24.15
C LEU B 400 11.23 -14.60 24.72
N GLY B 401 11.01 -15.59 23.85
CA GLY B 401 11.05 -16.99 24.22
C GLY B 401 10.02 -17.42 25.23
N GLU B 402 8.94 -16.67 25.35
CA GLU B 402 7.88 -16.95 26.33
C GLU B 402 7.26 -18.33 26.09
N HIS B 403 7.23 -18.74 24.83
CA HIS B 403 6.55 -19.95 24.40
C HIS B 403 7.52 -21.06 23.97
N THR B 404 8.81 -20.88 24.24
CA THR B 404 9.83 -21.86 23.86
C THR B 404 9.52 -23.30 24.29
N ASP B 405 9.37 -23.50 25.61
CA ASP B 405 9.16 -24.85 26.17
C ASP B 405 7.83 -25.43 25.73
N GLU B 406 6.80 -24.60 25.70
CA GLU B 406 5.48 -24.98 25.22
C GLU B 406 5.54 -25.47 23.77
N VAL B 407 6.30 -24.79 22.93
CA VAL B 407 6.39 -25.13 21.50
C VAL B 407 7.18 -26.42 21.32
N LEU B 408 8.25 -26.55 22.13
CA LEU B 408 9.08 -27.74 22.12
C LEU B 408 8.34 -29.00 22.63
N LYS B 409 7.35 -28.82 23.50
CA LYS B 409 6.54 -29.93 24.02
C LYS B 409 5.53 -30.40 22.99
N GLU B 410 5.03 -29.48 22.17
CA GLU B 410 4.11 -29.80 21.07
C GLU B 410 4.81 -30.62 19.98
N LEU B 411 6.13 -30.56 19.95
CA LEU B 411 6.94 -31.38 19.03
C LEU B 411 7.27 -32.79 19.56
N GLY B 412 6.80 -33.11 20.76
CA GLY B 412 6.94 -34.45 21.32
C GLY B 412 8.25 -34.71 22.06
N LEU B 413 8.96 -33.65 22.43
CA LEU B 413 10.22 -33.79 23.16
C LEU B 413 9.97 -33.82 24.68
N ASP B 414 10.72 -34.67 25.37
CA ASP B 414 10.54 -34.84 26.83
C ASP B 414 11.23 -33.72 27.61
N ASP B 415 10.92 -33.62 28.90
CA ASP B 415 11.31 -32.48 29.73
C ASP B 415 12.84 -32.36 29.94
N ALA B 416 13.54 -33.48 29.92
CA ALA B 416 14.99 -33.52 30.14
C ALA B 416 15.77 -33.06 28.90
N LYS B 417 15.27 -33.40 27.71
CA LYS B 417 15.86 -32.93 26.45
C LYS B 417 15.68 -31.42 26.30
N ILE B 418 14.59 -30.87 26.82
CA ILE B 418 14.35 -29.43 26.80
C ILE B 418 15.39 -28.70 27.66
N LYS B 419 15.75 -29.29 28.79
CA LYS B 419 16.78 -28.71 29.66
C LYS B 419 18.17 -28.74 28.99
N GLU B 420 18.41 -29.78 28.18
CA GLU B 420 19.69 -29.94 27.48
C GLU B 420 19.88 -28.86 26.40
N LEU B 421 18.80 -28.57 25.67
CA LEU B 421 18.82 -27.54 24.63
C LEU B 421 19.04 -26.17 25.25
N HIS B 422 18.41 -25.91 26.40
CA HIS B 422 18.66 -24.68 27.16
C HIS B 422 20.14 -24.56 27.53
N ALA B 423 20.73 -25.66 28.00
CA ALA B 423 22.12 -25.68 28.46
C ALA B 423 23.13 -25.68 27.30
N LYS B 424 22.73 -26.26 26.18
CA LYS B 424 23.54 -26.26 24.95
C LYS B 424 23.50 -24.89 24.26
N GLN B 425 22.63 -24.00 24.71
CA GLN B 425 22.60 -22.63 24.18
C GLN B 425 21.95 -22.54 22.79
N VAL B 426 21.10 -23.51 22.44
CA VAL B 426 20.39 -23.50 21.15
C VAL B 426 19.01 -22.85 21.29
N VAL B 427 18.59 -22.66 22.53
CA VAL B 427 17.26 -22.19 22.84
C VAL B 427 17.33 -21.27 24.06
#